data_7WBJ
#
_entry.id   7WBJ
#
_cell.length_a   1.00
_cell.length_b   1.00
_cell.length_c   1.00
_cell.angle_alpha   90.00
_cell.angle_beta   90.00
_cell.angle_gamma   90.00
#
_symmetry.space_group_name_H-M   'P 1'
#
loop_
_entity.id
_entity.type
_entity.pdbx_description
1 polymer 'Vasoactive intestinal polypeptide receptor 2'
2 polymer 'Pituitary adenylate cyclase-activating polypeptide 27'
3 polymer 'Guanine nucleotide-binding protein G(s) subunit alpha isoforms short'
4 polymer 'Guanine nucleotide-binding protein G(I)/G(S)/G(T) subunit beta-1'
5 polymer 'Guanine nucleotide-binding protein G(I)/G(S)/G(O) subunit gamma-2'
6 polymer Nanobody-35
#
loop_
_entity_poly.entity_id
_entity_poly.type
_entity_poly.pdbx_seq_one_letter_code
_entity_poly.pdbx_strand_id
1 'polypeptide(L)'
;DYKDDDDVDHHHHHHHHECRFHLEIQEEETKCAELLRSQTEKHKACSGVWDNITCWRPANVGETVTVPCPKVFSNFYSKA
GNISKNCTSDGWSETFPDFVDACGYSDPEDESKITFYILVKAIYTLGYSVSLMSLATGSIILCLFRKLHCTRNYIHLNLF
LSFILRAISVLVKDDVLYSSSGTLHCPDQPSSWVGCKLSLVFLQYCIMANFFWLLVEGLYLHTLLVAMLPPRRCFLAYLL
IGWGLPTVCIGAWTAARLYLEDTGCWDTNDHSVPWWVIRIPILISIIVNFVLFISIIRILLQKLTSPDVGGNDQSQYKRL
AKSTLLLIPLFGVHYMVFAVFPISISSKYQILFELCLGSFQGLVVAVLYCFLNSEVQCELKRKWRSRCPTPSASRDYRVC
GSSFSRNGSEGALQFHRGSRAQSFLQTETSVI
;
R
2 'polypeptide(L)' HSDGIFTDSYSRYRKQMAVKKYLAAVL L
3 'polypeptide(L)'
;MGCLGNSKTEDQRNEEKAQREANKKIEKQLQKDKQVYRATHRLLLLGAGESGKNTIVKQMRILHVNGFNGEGGEEDPQAA
RSNSDGEKATKVQDIKNNLKEAIETIVAAMSNLVPPVELANPENQFRVDYILSVMNVPDFDFPPEFYEHAKALWEDEGVR
ACYERSNEYQLIDCAQYFLDKIDVIKQDDYVPSDQDLLRCRVLTSGIFETKFQVDKVNFHMFDVGAQRDERRKWIQCFND
VTAIIFVVASSSYNMVIREDNQTNRLQAALKLFDSIWNNKWLRDTSVILFLNKQDLLAEKVLAGKSKIEDYFPEFARYTT
PEDATPEPGEDPRVTRAKYFIRDEFLRISTASGDGRHYCYPHFTCSVDTENIRRVFNDCRDIIQRMHLRQYELL
;
A
4 'polypeptide(L)'
;MHHHHHHSSGLVPRGSHMASHHHHHHHHHHGSLLQSELDQLRQEAEQLKNQIRDARKACADATLSQITNNIDPVGRIQMR
TRRTLRGHLAKIYAMHWGTDSRLLVSASQDGKLIIWDSYTTNKVHAIPLRSSWVMTCAYAPSGNYVACGGLDNICSIYNL
KTREGNVRVSRELAGHTGYLSCCRFLDDNQIVTSSGDTTCALWDIETGQQTTTFTGHTGDVMSLSLAPDTRLFVSGACDA
SAKLWDVREGMCRQTFTGHESDINAICFFPNGNAFATGSDDATCRLFDLRADQELMTYSHDNIICGITSVSFSKSGRLLL
AGYDDFNCNVWDALKADRAGVLAGHDNRVSCLGVTDDGMAVATGSWDSFLKIWNGSSGGGGSGGGGSSGVSGWRLFKKIS
;
B
5 'polypeptide(L)' MASNNTASIAQARKLVEQLKMEANIDRIKVSKAAADLMAYCEAHAKEDPLLTPVPASENPFREKKFFCAIL G
6 'polypeptide(L)'
;MAQVQLQESGGGLVQPGGSLRLSCAASGFTFSNYKMNWVRQAPGKGLEWVSDISQSGASISYTGSVKGRFTISRDNAKNT
LYLQMNSLKPEDTAVYYCARCPAPFTRDCFDVTSTTYAYRGQGTQVTVSSHHHHHHEPEA
;
N
#
# COMPACT_ATOMS: atom_id res chain seq x y z
N ARG A 20 32.37 -9.22 -49.99
CA ARG A 20 31.94 -7.85 -50.24
C ARG A 20 33.11 -6.88 -50.08
N PHE A 21 34.07 -7.26 -49.23
CA PHE A 21 35.23 -6.41 -48.99
C PHE A 21 36.19 -6.43 -50.17
N HIS A 22 36.44 -7.61 -50.74
CA HIS A 22 37.21 -7.75 -51.96
C HIS A 22 36.41 -8.42 -53.07
N LEU A 23 35.10 -8.55 -52.89
CA LEU A 23 34.23 -9.18 -53.87
C LEU A 23 33.57 -8.18 -54.80
N GLU A 24 33.93 -6.90 -54.69
CA GLU A 24 33.40 -5.86 -55.56
C GLU A 24 34.19 -5.69 -56.85
N ILE A 25 35.20 -6.53 -57.07
CA ILE A 25 36.05 -6.42 -58.25
C ILE A 25 35.70 -7.54 -59.22
N GLN A 26 35.07 -8.60 -58.71
CA GLN A 26 34.73 -9.74 -59.56
C GLN A 26 33.60 -9.40 -60.53
N GLU A 27 32.58 -8.69 -60.05
CA GLU A 27 31.43 -8.39 -60.90
C GLU A 27 31.81 -7.45 -62.04
N GLU A 28 32.68 -6.48 -61.77
CA GLU A 28 33.12 -5.59 -62.84
C GLU A 28 34.01 -6.33 -63.83
N GLU A 29 34.77 -7.32 -63.37
CA GLU A 29 35.53 -8.16 -64.29
C GLU A 29 34.59 -8.96 -65.18
N THR A 30 33.52 -9.51 -64.60
CA THR A 30 32.60 -10.34 -65.38
C THR A 30 31.81 -9.49 -66.37
N LYS A 31 31.38 -8.29 -65.97
CA LYS A 31 30.53 -7.48 -66.84
C LYS A 31 31.25 -7.01 -68.09
N CYS A 32 32.58 -6.97 -68.08
CA CYS A 32 33.35 -6.66 -69.28
C CYS A 32 34.15 -7.85 -69.77
N ALA A 33 33.91 -9.04 -69.21
CA ALA A 33 34.60 -10.24 -69.66
C ALA A 33 34.22 -10.59 -71.10
N GLU A 34 32.97 -10.32 -71.49
CA GLU A 34 32.55 -10.57 -72.85
C GLU A 34 33.23 -9.65 -73.87
N LEU A 35 33.90 -8.60 -73.40
CA LEU A 35 34.67 -7.76 -74.31
C LEU A 35 35.92 -8.51 -74.77
N LEU A 36 36.49 -8.02 -75.87
CA LEU A 36 37.66 -8.63 -76.51
C LEU A 36 37.38 -10.06 -76.98
N ARG A 37 36.11 -10.40 -77.19
CA ARG A 37 35.70 -11.69 -77.73
C ARG A 37 35.08 -11.58 -79.10
N SER A 38 34.06 -10.74 -79.27
CA SER A 38 33.48 -10.47 -80.57
C SER A 38 34.02 -9.20 -81.20
N GLN A 39 34.61 -8.30 -80.42
CA GLN A 39 35.21 -7.08 -80.92
C GLN A 39 36.68 -7.21 -81.24
N THR A 40 37.27 -8.39 -81.02
CA THR A 40 38.68 -8.61 -81.33
C THR A 40 38.94 -8.72 -82.83
N GLU A 41 37.89 -8.83 -83.64
CA GLU A 41 38.08 -8.87 -85.10
C GLU A 41 38.70 -7.58 -85.61
N LYS A 42 38.26 -6.44 -85.09
CA LYS A 42 38.84 -5.16 -85.45
C LYS A 42 40.12 -4.96 -84.66
N HIS A 43 41.23 -4.78 -85.38
CA HIS A 43 42.54 -4.63 -84.74
C HIS A 43 42.70 -3.19 -84.27
N LYS A 44 42.13 -2.91 -83.11
CA LYS A 44 42.25 -1.58 -82.51
C LYS A 44 43.67 -1.32 -82.05
N ALA A 45 44.08 -0.05 -82.15
CA ALA A 45 45.43 0.31 -81.76
C ALA A 45 45.67 0.09 -80.26
N CYS A 46 44.68 0.42 -79.44
CA CYS A 46 44.77 0.28 -77.98
C CYS A 46 43.66 -0.65 -77.53
N SER A 47 43.96 -1.94 -77.44
CA SER A 47 42.97 -2.91 -76.98
C SER A 47 42.63 -2.68 -75.52
N GLY A 48 41.40 -3.03 -75.16
CA GLY A 48 40.91 -2.84 -73.81
C GLY A 48 41.47 -3.85 -72.82
N VAL A 49 42.77 -3.77 -72.55
CA VAL A 49 43.44 -4.68 -71.63
C VAL A 49 43.08 -4.29 -70.20
N TRP A 50 43.36 -5.19 -69.25
CA TRP A 50 43.11 -4.94 -67.84
C TRP A 50 44.31 -4.20 -67.26
N ASP A 51 44.34 -2.89 -67.51
CA ASP A 51 45.41 -2.03 -67.03
C ASP A 51 44.84 -0.97 -66.11
N ASN A 52 45.65 -0.59 -65.11
CA ASN A 52 45.30 0.44 -64.13
C ASN A 52 44.05 0.08 -63.33
N ILE A 53 43.73 -1.21 -63.24
CA ILE A 53 42.56 -1.71 -62.51
C ILE A 53 41.38 -0.88 -62.99
N THR A 54 41.33 -0.63 -64.30
CA THR A 54 40.15 -0.13 -65.01
C THR A 54 39.97 -0.91 -66.30
N CYS A 55 38.82 -1.58 -66.43
CA CYS A 55 38.57 -2.42 -67.59
C CYS A 55 38.26 -1.57 -68.81
N TRP A 56 39.29 -1.26 -69.60
CA TRP A 56 39.14 -0.40 -70.75
C TRP A 56 38.50 -1.17 -71.91
N ARG A 57 38.27 -0.47 -73.02
CA ARG A 57 37.72 -1.06 -74.22
C ARG A 57 38.63 -0.78 -75.40
N PRO A 58 38.70 -1.71 -76.37
CA PRO A 58 39.52 -1.46 -77.56
C PRO A 58 39.01 -0.24 -78.33
N ALA A 59 39.96 0.54 -78.84
CA ALA A 59 39.61 1.76 -79.57
C ALA A 59 40.78 2.15 -80.45
N ASN A 60 40.49 3.02 -81.43
CA ASN A 60 41.50 3.51 -82.35
C ASN A 60 42.28 4.67 -81.70
N VAL A 61 43.25 5.20 -82.44
CA VAL A 61 44.09 6.27 -81.93
C VAL A 61 43.26 7.54 -81.72
N GLY A 62 43.45 8.16 -80.57
CA GLY A 62 42.75 9.40 -80.25
C GLY A 62 41.51 9.25 -79.40
N GLU A 63 41.12 8.03 -79.06
CA GLU A 63 39.92 7.77 -78.26
C GLU A 63 40.33 7.59 -76.80
N THR A 64 39.87 8.49 -75.94
CA THR A 64 40.17 8.42 -74.52
C THR A 64 39.12 9.23 -73.76
N VAL A 65 38.60 8.67 -72.68
CA VAL A 65 37.58 9.32 -71.86
C VAL A 65 38.13 9.46 -70.45
N THR A 66 38.08 10.68 -69.91
CA THR A 66 38.54 10.93 -68.55
C THR A 66 37.50 10.39 -67.56
N VAL A 67 37.96 9.56 -66.63
CA VAL A 67 37.05 8.94 -65.66
C VAL A 67 37.60 9.13 -64.25
N PRO A 68 36.73 9.35 -63.26
CA PRO A 68 37.19 9.43 -61.87
C PRO A 68 37.46 8.05 -61.27
N CYS A 69 37.69 8.00 -59.97
CA CYS A 69 37.71 6.72 -59.26
C CYS A 69 36.47 5.91 -59.62
N PRO A 70 36.59 4.58 -59.65
CA PRO A 70 35.46 3.74 -60.10
C PRO A 70 34.24 3.95 -59.21
N LYS A 71 33.07 3.89 -59.84
CA LYS A 71 31.82 4.06 -59.11
C LYS A 71 31.59 2.95 -58.09
N VAL A 72 32.31 1.83 -58.21
CA VAL A 72 32.21 0.79 -57.20
C VAL A 72 32.70 1.30 -55.85
N PHE A 73 33.61 2.27 -55.86
CA PHE A 73 34.01 2.96 -54.63
C PHE A 73 33.19 4.23 -54.43
N SER A 74 33.26 5.16 -55.40
CA SER A 74 32.44 6.36 -55.43
C SER A 74 32.59 7.19 -54.15
N ASN A 75 33.74 7.10 -53.49
CA ASN A 75 33.94 7.85 -52.27
C ASN A 75 34.34 9.30 -52.60
N PHE A 76 34.34 10.13 -51.56
CA PHE A 76 34.65 11.54 -51.74
C PHE A 76 36.10 11.74 -52.18
N TYR A 77 37.03 11.10 -51.47
CA TYR A 77 38.47 11.18 -51.74
C TYR A 77 39.01 12.60 -51.64
N SER A 78 38.23 13.54 -51.13
CA SER A 78 38.62 14.94 -50.98
C SER A 78 38.92 15.61 -52.31
N LYS A 79 38.69 14.90 -53.43
CA LYS A 79 38.91 15.47 -54.76
C LYS A 79 38.26 14.60 -55.83
N ALA A 80 37.53 15.23 -56.74
CA ALA A 80 36.89 14.52 -57.84
C ALA A 80 37.74 14.63 -59.10
N GLY A 81 38.87 13.92 -59.06
CA GLY A 81 39.79 13.91 -60.19
C GLY A 81 39.33 13.01 -61.31
N ASN A 82 40.14 12.97 -62.37
CA ASN A 82 39.85 12.17 -63.55
C ASN A 82 41.11 11.43 -63.98
N ILE A 83 40.91 10.32 -64.68
CA ILE A 83 42.00 9.48 -65.18
C ILE A 83 41.89 9.41 -66.70
N SER A 84 42.98 9.74 -67.39
CA SER A 84 43.01 9.73 -68.85
C SER A 84 44.32 9.13 -69.32
N LYS A 85 44.31 8.58 -70.53
CA LYS A 85 45.50 7.96 -71.10
C LYS A 85 45.73 8.43 -72.53
N ASN A 86 46.68 7.80 -73.22
CA ASN A 86 46.97 8.12 -74.61
C ASN A 86 46.97 6.82 -75.41
N CYS A 87 46.51 6.93 -76.66
CA CYS A 87 46.41 5.78 -77.55
C CYS A 87 47.58 5.78 -78.53
N THR A 88 48.31 4.67 -78.56
CA THR A 88 49.46 4.50 -79.46
C THR A 88 49.27 3.21 -80.23
N SER A 89 50.28 2.87 -81.04
CA SER A 89 50.22 1.65 -81.85
C SER A 89 50.20 0.41 -80.96
N ASP A 90 51.03 0.38 -79.93
CA ASP A 90 51.06 -0.76 -79.03
C ASP A 90 49.86 -0.79 -78.08
N GLY A 91 49.36 0.37 -77.70
CA GLY A 91 48.24 0.47 -76.78
C GLY A 91 48.36 1.71 -75.92
N TRP A 92 47.81 1.60 -74.71
CA TRP A 92 47.88 2.70 -73.74
C TRP A 92 49.30 2.77 -73.19
N SER A 93 50.10 3.68 -73.75
CA SER A 93 51.51 3.77 -73.36
C SER A 93 51.65 4.17 -71.89
N GLU A 94 50.88 5.15 -71.45
CA GLU A 94 51.00 5.65 -70.07
C GLU A 94 49.72 6.39 -69.71
N THR A 95 49.57 6.65 -68.41
CA THR A 95 48.44 7.38 -67.86
C THR A 95 48.94 8.73 -67.37
N PHE A 96 48.38 9.81 -67.91
CA PHE A 96 48.83 11.14 -67.53
C PHE A 96 48.62 11.45 -66.05
N PRO A 97 47.43 11.25 -65.47
CA PRO A 97 47.27 11.46 -64.03
C PRO A 97 47.42 10.18 -63.23
N ASP A 98 47.78 10.35 -61.97
CA ASP A 98 47.88 9.23 -61.04
C ASP A 98 46.61 9.13 -60.20
N PHE A 99 46.30 7.90 -59.77
CA PHE A 99 45.09 7.69 -58.97
C PHE A 99 45.15 8.46 -57.66
N VAL A 100 46.29 8.41 -56.98
CA VAL A 100 46.44 9.18 -55.75
C VAL A 100 46.43 10.67 -56.05
N ASP A 101 47.01 11.06 -57.19
CA ASP A 101 47.03 12.47 -57.55
C ASP A 101 45.66 12.98 -57.97
N ALA A 102 44.85 12.14 -58.60
CA ALA A 102 43.55 12.58 -59.11
C ALA A 102 42.45 12.43 -58.07
N CYS A 103 42.21 11.21 -57.58
CA CYS A 103 41.15 10.95 -56.62
C CYS A 103 41.65 10.02 -55.52
N GLY A 104 42.86 10.30 -55.01
CA GLY A 104 43.38 9.53 -53.90
C GLY A 104 42.66 9.82 -52.60
N TYR A 105 42.85 8.92 -51.64
CA TYR A 105 42.16 9.05 -50.36
C TYR A 105 42.60 10.31 -49.62
N SER A 106 43.90 10.57 -49.58
CA SER A 106 44.47 11.77 -48.96
C SER A 106 43.98 11.94 -47.52
N ASP A 107 43.90 10.83 -46.78
CA ASP A 107 43.46 10.85 -45.39
C ASP A 107 44.63 10.57 -44.47
N PRO A 108 45.13 11.56 -43.74
CA PRO A 108 46.29 11.35 -42.86
C PRO A 108 45.98 11.03 -41.41
N GLU A 109 44.71 11.06 -41.00
CA GLU A 109 44.34 10.86 -39.60
C GLU A 109 43.76 9.48 -39.33
N ASP A 110 44.11 8.49 -40.16
CA ASP A 110 43.62 7.13 -39.95
C ASP A 110 44.19 6.50 -38.69
N GLU A 111 45.45 6.82 -38.37
CA GLU A 111 46.11 6.21 -37.22
C GLU A 111 45.45 6.58 -35.90
N SER A 112 44.80 7.74 -35.83
CA SER A 112 44.02 8.12 -34.65
C SER A 112 42.56 7.71 -34.76
N LYS A 113 42.02 7.70 -35.98
CA LYS A 113 40.64 7.27 -36.18
C LYS A 113 40.46 5.81 -35.78
N ILE A 114 41.44 4.95 -36.10
CA ILE A 114 41.33 3.55 -35.71
C ILE A 114 41.26 3.42 -34.19
N THR A 115 42.10 4.16 -33.48
CA THR A 115 42.07 4.13 -32.02
C THR A 115 40.72 4.63 -31.50
N PHE A 116 40.22 5.73 -32.06
CA PHE A 116 38.95 6.27 -31.61
C PHE A 116 37.82 5.27 -31.81
N TYR A 117 37.75 4.67 -33.00
CA TYR A 117 36.66 3.74 -33.31
C TYR A 117 36.72 2.52 -32.43
N ILE A 118 37.91 1.94 -32.24
CA ILE A 118 38.00 0.75 -31.41
C ILE A 118 37.69 1.07 -29.96
N LEU A 119 38.11 2.24 -29.48
CA LEU A 119 37.81 2.64 -28.11
C LEU A 119 36.31 2.77 -27.89
N VAL A 120 35.63 3.49 -28.80
CA VAL A 120 34.19 3.68 -28.65
C VAL A 120 33.47 2.35 -28.75
N LYS A 121 33.88 1.49 -29.68
CA LYS A 121 33.24 0.20 -29.85
C LYS A 121 33.36 -0.64 -28.58
N ALA A 122 34.56 -0.72 -28.01
CA ALA A 122 34.75 -1.48 -26.78
C ALA A 122 33.93 -0.89 -25.65
N ILE A 123 33.93 0.43 -25.52
CA ILE A 123 33.20 1.08 -24.43
C ILE A 123 31.72 0.74 -24.50
N TYR A 124 31.11 0.92 -25.67
CA TYR A 124 29.66 0.71 -25.71
C TYR A 124 29.30 -0.77 -25.70
N THR A 125 30.14 -1.65 -26.23
CA THR A 125 29.81 -3.07 -26.14
C THR A 125 29.88 -3.55 -24.69
N LEU A 126 30.88 -3.10 -23.91
CA LEU A 126 30.88 -3.46 -22.49
C LEU A 126 29.73 -2.82 -21.75
N GLY A 127 29.36 -1.58 -22.11
CA GLY A 127 28.21 -0.96 -21.48
C GLY A 127 26.93 -1.73 -21.70
N TYR A 128 26.69 -2.14 -22.95
CA TYR A 128 25.50 -2.94 -23.24
C TYR A 128 25.55 -4.30 -22.59
N SER A 129 26.75 -4.90 -22.49
CA SER A 129 26.86 -6.19 -21.81
C SER A 129 26.49 -6.08 -20.33
N VAL A 130 27.02 -5.06 -19.65
CA VAL A 130 26.70 -4.92 -18.23
C VAL A 130 25.23 -4.51 -18.05
N SER A 131 24.68 -3.74 -18.99
CA SER A 131 23.26 -3.43 -18.95
C SER A 131 22.42 -4.69 -19.08
N LEU A 132 22.82 -5.60 -19.98
CA LEU A 132 22.13 -6.87 -20.11
C LEU A 132 22.21 -7.67 -18.82
N MET A 133 23.40 -7.70 -18.21
CA MET A 133 23.57 -8.45 -16.97
C MET A 133 22.68 -7.91 -15.87
N SER A 134 22.56 -6.58 -15.78
CA SER A 134 21.71 -5.99 -14.75
C SER A 134 20.23 -6.23 -15.03
N LEU A 135 19.80 -6.02 -16.27
CA LEU A 135 18.37 -6.09 -16.54
C LEU A 135 17.86 -7.53 -16.68
N ALA A 136 18.75 -8.50 -16.85
CA ALA A 136 18.32 -9.89 -16.77
C ALA A 136 17.72 -10.19 -15.41
N THR A 137 18.34 -9.66 -14.35
CA THR A 137 17.73 -9.74 -13.02
C THR A 137 16.60 -8.72 -12.87
N GLY A 138 16.76 -7.54 -13.46
CA GLY A 138 15.76 -6.49 -13.29
C GLY A 138 14.37 -6.90 -13.75
N SER A 139 14.29 -7.59 -14.90
CA SER A 139 12.99 -8.01 -15.41
C SER A 139 12.42 -9.16 -14.60
N ILE A 140 13.26 -10.13 -14.23
CA ILE A 140 12.74 -11.32 -13.55
C ILE A 140 12.29 -10.98 -12.14
N ILE A 141 12.92 -9.99 -11.48
CA ILE A 141 12.46 -9.60 -10.15
C ILE A 141 11.03 -9.06 -10.22
N LEU A 142 10.75 -8.22 -11.23
CA LEU A 142 9.38 -7.72 -11.40
C LEU A 142 8.43 -8.85 -11.78
N CYS A 143 8.88 -9.79 -12.60
CA CYS A 143 7.98 -10.80 -13.14
C CYS A 143 7.61 -11.85 -12.10
N LEU A 144 8.57 -12.26 -11.26
CA LEU A 144 8.41 -13.45 -10.43
C LEU A 144 7.57 -13.21 -9.18
N PHE A 145 7.35 -11.98 -8.76
CA PHE A 145 6.70 -11.68 -7.49
C PHE A 145 5.27 -11.23 -7.74
N ARG A 146 4.31 -11.93 -7.12
CA ARG A 146 2.90 -11.68 -7.38
C ARG A 146 2.46 -10.32 -6.84
N LYS A 147 3.00 -9.92 -5.68
CA LYS A 147 2.55 -8.69 -5.04
C LYS A 147 2.90 -7.44 -5.85
N LEU A 148 3.84 -7.54 -6.78
CA LEU A 148 4.25 -6.39 -7.58
C LEU A 148 3.42 -6.21 -8.85
N HIS A 149 2.52 -7.14 -9.15
CA HIS A 149 1.83 -7.13 -10.44
C HIS A 149 0.78 -6.03 -10.50
N CYS A 150 1.20 -4.82 -10.91
CA CYS A 150 0.31 -3.70 -11.17
C CYS A 150 0.60 -3.18 -12.57
N THR A 151 -0.17 -2.19 -13.00
CA THR A 151 0.06 -1.59 -14.31
C THR A 151 1.41 -0.91 -14.37
N ARG A 152 1.78 -0.19 -13.31
CA ARG A 152 3.06 0.50 -13.27
C ARG A 152 4.22 -0.47 -13.42
N ASN A 153 4.19 -1.57 -12.67
CA ASN A 153 5.28 -2.54 -12.76
C ASN A 153 5.24 -3.29 -14.08
N TYR A 154 4.07 -3.42 -14.70
CA TYR A 154 4.02 -4.01 -16.04
C TYR A 154 4.69 -3.10 -17.07
N ILE A 155 4.45 -1.80 -16.96
CA ILE A 155 5.12 -0.86 -17.87
C ILE A 155 6.63 -0.87 -17.63
N HIS A 156 7.04 -0.96 -16.36
CA HIS A 156 8.47 -1.03 -16.06
C HIS A 156 9.09 -2.31 -16.60
N LEU A 157 8.37 -3.44 -16.50
CA LEU A 157 8.86 -4.69 -17.05
C LEU A 157 9.00 -4.60 -18.56
N ASN A 158 8.02 -3.96 -19.22
CA ASN A 158 8.12 -3.77 -20.67
C ASN A 158 9.32 -2.89 -21.03
N LEU A 159 9.56 -1.83 -20.25
CA LEU A 159 10.71 -0.99 -20.52
C LEU A 159 12.02 -1.76 -20.35
N PHE A 160 12.12 -2.57 -19.31
CA PHE A 160 13.31 -3.38 -19.11
C PHE A 160 13.51 -4.36 -20.26
N LEU A 161 12.42 -5.00 -20.70
CA LEU A 161 12.51 -5.90 -21.84
C LEU A 161 12.95 -5.16 -23.09
N SER A 162 12.53 -3.91 -23.26
CA SER A 162 12.94 -3.14 -24.42
C SER A 162 14.42 -2.79 -24.39
N PHE A 163 14.93 -2.42 -23.22
CA PHE A 163 16.38 -2.26 -23.06
C PHE A 163 17.12 -3.53 -23.42
N ILE A 164 16.63 -4.68 -22.94
CA ILE A 164 17.28 -5.95 -23.24
C ILE A 164 17.29 -6.21 -24.75
N LEU A 165 16.15 -5.96 -25.40
CA LEU A 165 16.07 -6.15 -26.85
C LEU A 165 17.06 -5.26 -27.58
N ARG A 166 17.14 -3.99 -27.20
CA ARG A 166 18.07 -3.08 -27.85
C ARG A 166 19.51 -3.52 -27.66
N ALA A 167 19.86 -3.94 -26.44
CA ALA A 167 21.22 -4.39 -26.17
C ALA A 167 21.57 -5.62 -27.00
N ILE A 168 20.66 -6.60 -27.06
CA ILE A 168 20.93 -7.80 -27.84
C ILE A 168 21.08 -7.44 -29.32
N SER A 169 20.21 -6.57 -29.84
CA SER A 169 20.29 -6.22 -31.25
C SER A 169 21.60 -5.53 -31.57
N VAL A 170 22.04 -4.61 -30.72
CA VAL A 170 23.28 -3.90 -31.02
C VAL A 170 24.48 -4.83 -30.88
N LEU A 171 24.45 -5.73 -29.89
CA LEU A 171 25.56 -6.67 -29.75
C LEU A 171 25.59 -7.71 -30.86
N VAL A 172 24.46 -7.98 -31.53
CA VAL A 172 24.47 -8.93 -32.63
C VAL A 172 24.71 -8.25 -33.97
N LYS A 173 24.55 -6.93 -34.07
CA LYS A 173 24.91 -6.24 -35.30
C LYS A 173 26.40 -6.34 -35.58
N ASP A 174 27.23 -6.21 -34.55
CA ASP A 174 28.67 -6.24 -34.76
C ASP A 174 29.16 -7.59 -35.27
N ASP A 175 28.55 -8.69 -34.82
CA ASP A 175 28.97 -10.00 -35.26
C ASP A 175 28.80 -10.16 -36.77
N VAL A 176 27.65 -9.74 -37.31
CA VAL A 176 27.40 -9.91 -38.74
C VAL A 176 28.05 -8.82 -39.58
N LEU A 177 28.77 -7.89 -38.96
CA LEU A 177 29.37 -6.79 -39.71
C LEU A 177 30.86 -6.64 -39.43
N TYR A 178 31.28 -6.90 -38.19
CA TYR A 178 32.65 -6.64 -37.76
C TYR A 178 33.28 -7.90 -37.19
N SER A 179 33.12 -9.02 -37.89
CA SER A 179 33.71 -10.29 -37.47
C SER A 179 35.08 -10.42 -38.13
N SER A 180 36.13 -10.08 -37.38
CA SER A 180 37.49 -10.21 -37.86
C SER A 180 38.04 -11.61 -37.72
N SER A 181 37.34 -12.50 -37.01
CA SER A 181 37.82 -13.86 -36.81
C SER A 181 37.69 -14.72 -38.06
N GLY A 182 36.90 -14.28 -39.04
CA GLY A 182 36.74 -15.05 -40.26
C GLY A 182 37.90 -14.90 -41.21
N THR A 183 37.87 -15.72 -42.27
CA THR A 183 38.88 -15.66 -43.32
C THR A 183 38.63 -14.54 -44.31
N LEU A 184 37.48 -13.88 -44.23
CA LEU A 184 37.13 -12.76 -45.11
C LEU A 184 37.11 -13.17 -46.58
N HIS A 185 36.81 -14.44 -46.85
CA HIS A 185 36.65 -14.87 -48.24
C HIS A 185 35.32 -14.41 -48.82
N CYS A 186 34.30 -14.22 -47.97
CA CYS A 186 33.02 -13.63 -48.34
C CYS A 186 32.40 -14.32 -49.55
N PRO A 187 31.82 -15.51 -49.38
CA PRO A 187 31.24 -16.23 -50.52
C PRO A 187 30.10 -15.44 -51.16
N ASP A 188 29.92 -15.66 -52.46
CA ASP A 188 28.96 -14.89 -53.25
C ASP A 188 27.51 -15.21 -52.90
N GLN A 189 27.27 -16.24 -52.09
CA GLN A 189 25.90 -16.57 -51.71
C GLN A 189 25.25 -15.41 -50.97
N PRO A 190 24.05 -14.98 -51.36
CA PRO A 190 23.42 -13.82 -50.74
C PRO A 190 22.70 -14.12 -49.42
N SER A 191 22.70 -15.37 -48.96
CA SER A 191 22.00 -15.70 -47.72
C SER A 191 22.64 -14.98 -46.53
N SER A 192 23.96 -14.83 -46.54
CA SER A 192 24.64 -14.05 -45.50
C SER A 192 24.21 -12.59 -45.57
N TRP A 193 24.01 -12.06 -46.79
CA TRP A 193 23.50 -10.71 -46.93
C TRP A 193 22.10 -10.59 -46.33
N VAL A 194 21.24 -11.59 -46.56
CA VAL A 194 19.91 -11.55 -45.98
C VAL A 194 19.99 -11.63 -44.47
N GLY A 195 20.93 -12.42 -43.94
CA GLY A 195 21.11 -12.48 -42.50
C GLY A 195 21.54 -11.16 -41.90
N CYS A 196 22.49 -10.48 -42.55
CA CYS A 196 22.93 -9.19 -42.03
C CYS A 196 21.84 -8.13 -42.17
N LYS A 197 21.06 -8.19 -43.25
CA LYS A 197 19.93 -7.28 -43.37
C LYS A 197 18.91 -7.53 -42.26
N LEU A 198 18.67 -8.80 -41.94
CA LEU A 198 17.76 -9.12 -40.84
C LEU A 198 18.30 -8.57 -39.52
N SER A 199 19.60 -8.70 -39.29
CA SER A 199 20.18 -8.16 -38.05
C SER A 199 20.04 -6.64 -37.99
N LEU A 200 20.26 -5.96 -39.11
CA LEU A 200 20.10 -4.50 -39.14
C LEU A 200 18.65 -4.10 -38.89
N VAL A 201 17.70 -4.80 -39.49
CA VAL A 201 16.30 -4.50 -39.25
C VAL A 201 15.94 -4.73 -37.78
N PHE A 202 16.48 -5.80 -37.20
CA PHE A 202 16.26 -6.05 -35.79
C PHE A 202 16.82 -4.92 -34.93
N LEU A 203 18.01 -4.42 -35.27
CA LEU A 203 18.58 -3.31 -34.51
C LEU A 203 17.70 -2.08 -34.59
N GLN A 204 17.24 -1.73 -35.79
CA GLN A 204 16.40 -0.55 -35.93
C GLN A 204 15.10 -0.71 -35.16
N TYR A 205 14.49 -1.89 -35.23
CA TYR A 205 13.24 -2.11 -34.49
C TYR A 205 13.48 -2.00 -32.99
N CYS A 206 14.59 -2.56 -32.49
CA CYS A 206 14.85 -2.49 -31.07
C CYS A 206 15.10 -1.05 -30.62
N ILE A 207 15.81 -0.27 -31.42
CA ILE A 207 16.03 1.14 -31.08
C ILE A 207 14.70 1.88 -31.02
N MET A 208 13.83 1.66 -32.00
CA MET A 208 12.54 2.34 -31.99
C MET A 208 11.68 1.93 -30.81
N ALA A 209 11.58 0.63 -30.55
CA ALA A 209 10.80 0.15 -29.42
C ALA A 209 11.41 0.60 -28.10
N ASN A 210 12.70 0.91 -28.07
CA ASN A 210 13.27 1.48 -26.85
C ASN A 210 12.90 2.95 -26.70
N PHE A 211 12.87 3.69 -27.79
CA PHE A 211 12.52 5.10 -27.67
C PHE A 211 11.03 5.32 -27.54
N PHE A 212 10.20 4.30 -27.75
CA PHE A 212 8.77 4.41 -27.52
C PHE A 212 8.34 3.86 -26.16
N TRP A 213 9.17 3.09 -25.49
CA TRP A 213 8.83 2.64 -24.14
C TRP A 213 9.36 3.58 -23.07
N LEU A 214 9.95 4.71 -23.46
CA LEU A 214 10.16 5.83 -22.58
C LEU A 214 9.09 6.89 -22.71
N LEU A 215 8.45 6.97 -23.89
CA LEU A 215 7.33 7.88 -24.08
C LEU A 215 6.15 7.49 -23.21
N VAL A 216 5.77 6.20 -23.23
CA VAL A 216 4.62 5.77 -22.46
C VAL A 216 4.89 5.87 -20.97
N GLU A 217 6.15 5.89 -20.55
CA GLU A 217 6.45 6.23 -19.16
C GLU A 217 5.94 7.62 -18.82
N GLY A 218 6.27 8.60 -19.67
CA GLY A 218 5.75 9.94 -19.47
C GLY A 218 4.24 9.99 -19.58
N LEU A 219 3.67 9.21 -20.50
CA LEU A 219 2.21 9.18 -20.64
C LEU A 219 1.55 8.66 -19.36
N TYR A 220 2.09 7.60 -18.77
CA TYR A 220 1.54 7.07 -17.54
C TYR A 220 1.68 8.06 -16.40
N LEU A 221 2.86 8.64 -16.24
CA LEU A 221 3.06 9.59 -15.14
C LEU A 221 2.20 10.84 -15.30
N HIS A 222 1.96 11.29 -16.53
CA HIS A 222 1.13 12.44 -16.78
C HIS A 222 -0.35 12.12 -16.85
N THR A 223 -0.72 10.83 -16.90
CA THR A 223 -2.12 10.44 -16.81
C THR A 223 -2.54 10.20 -15.37
N LEU A 224 -1.67 9.62 -14.55
CA LEU A 224 -2.00 9.46 -13.14
C LEU A 224 -2.09 10.79 -12.39
N LEU A 225 -1.60 11.88 -12.98
CA LEU A 225 -1.52 13.15 -12.29
C LEU A 225 -2.51 14.19 -12.80
N VAL A 226 -3.28 13.87 -13.84
CA VAL A 226 -4.26 14.82 -14.36
C VAL A 226 -5.63 14.17 -14.40
N ALA A 227 -5.73 13.01 -15.05
CA ALA A 227 -7.00 12.31 -15.14
C ALA A 227 -7.27 11.56 -13.84
N MET A 228 -8.46 11.76 -13.29
CA MET A 228 -8.86 11.07 -12.07
C MET A 228 -9.45 9.69 -12.34
N LEU A 229 -9.68 9.33 -13.61
CA LEU A 229 -10.28 8.06 -13.99
C LEU A 229 -9.40 7.41 -15.05
N PRO A 230 -8.38 6.66 -14.65
CA PRO A 230 -7.56 5.94 -15.63
C PRO A 230 -8.32 4.79 -16.24
N PRO A 231 -8.60 4.83 -17.54
CA PRO A 231 -9.41 3.77 -18.16
C PRO A 231 -8.70 2.42 -18.09
N ARG A 232 -9.52 1.37 -17.95
CA ARG A 232 -8.99 0.02 -17.82
C ARG A 232 -8.41 -0.51 -19.13
N ARG A 233 -8.84 0.03 -20.26
CA ARG A 233 -8.40 -0.45 -21.57
C ARG A 233 -7.16 0.26 -22.08
N CYS A 234 -6.56 1.13 -21.28
CA CYS A 234 -5.37 1.86 -21.72
C CYS A 234 -4.10 1.03 -21.67
N PHE A 235 -4.11 -0.12 -20.98
CA PHE A 235 -2.93 -0.98 -21.01
C PHE A 235 -2.72 -1.57 -22.41
N LEU A 236 -3.81 -1.98 -23.07
CA LEU A 236 -3.69 -2.48 -24.43
C LEU A 236 -3.23 -1.40 -25.39
N ALA A 237 -3.71 -0.17 -25.21
CA ALA A 237 -3.22 0.94 -26.01
C ALA A 237 -1.74 1.19 -25.75
N TYR A 238 -1.33 1.11 -24.49
CA TYR A 238 0.09 1.32 -24.18
C TYR A 238 0.95 0.25 -24.84
N LEU A 239 0.49 -1.01 -24.82
CA LEU A 239 1.21 -2.05 -25.55
C LEU A 239 1.22 -1.75 -27.04
N LEU A 240 0.14 -1.17 -27.57
CA LEU A 240 0.09 -0.82 -28.98
C LEU A 240 1.21 0.16 -29.33
N ILE A 241 1.25 1.30 -28.64
CA ILE A 241 2.33 2.26 -28.93
C ILE A 241 3.69 1.64 -28.64
N GLY A 242 3.80 0.81 -27.60
CA GLY A 242 5.09 0.26 -27.25
C GLY A 242 5.67 -0.68 -28.29
N TRP A 243 4.84 -1.54 -28.87
CA TRP A 243 5.35 -2.58 -29.75
C TRP A 243 4.85 -2.45 -31.19
N GLY A 244 3.55 -2.25 -31.39
CA GLY A 244 3.03 -2.23 -32.74
C GLY A 244 3.49 -1.05 -33.56
N LEU A 245 3.53 0.13 -32.95
CA LEU A 245 3.95 1.33 -33.67
C LEU A 245 5.39 1.25 -34.16
N PRO A 246 6.38 0.83 -33.36
CA PRO A 246 7.72 0.63 -33.93
C PRO A 246 7.74 -0.40 -35.04
N THR A 247 6.88 -1.42 -34.99
CA THR A 247 6.78 -2.37 -36.08
C THR A 247 6.32 -1.67 -37.37
N VAL A 248 5.34 -0.77 -37.27
CA VAL A 248 4.89 -0.03 -38.44
C VAL A 248 6.01 0.88 -38.94
N CYS A 249 6.74 1.52 -38.02
CA CYS A 249 7.84 2.39 -38.43
C CYS A 249 8.92 1.61 -39.17
N ILE A 250 9.22 0.39 -38.71
CA ILE A 250 10.13 -0.48 -39.45
C ILE A 250 9.55 -0.80 -40.82
N GLY A 251 8.26 -1.14 -40.86
CA GLY A 251 7.62 -1.37 -42.14
C GLY A 251 7.68 -0.14 -43.04
N ALA A 252 7.54 1.04 -42.46
CA ALA A 252 7.68 2.28 -43.22
C ALA A 252 9.12 2.56 -43.61
N TRP A 253 10.07 1.78 -43.11
CA TRP A 253 11.48 1.94 -43.45
C TRP A 253 11.95 0.87 -44.42
N THR A 254 11.78 -0.41 -44.07
CA THR A 254 12.24 -1.48 -44.94
C THR A 254 11.53 -1.43 -46.29
N ALA A 255 10.21 -1.30 -46.28
CA ALA A 255 9.47 -1.20 -47.53
C ALA A 255 9.78 0.07 -48.29
N ALA A 256 10.28 1.10 -47.61
CA ALA A 256 10.73 2.32 -48.28
C ALA A 256 12.22 2.30 -48.58
N ARG A 257 12.88 1.17 -48.36
CA ARG A 257 14.31 1.07 -48.57
C ARG A 257 14.64 -0.17 -49.38
N LEU A 258 13.77 -1.19 -49.30
CA LEU A 258 14.05 -2.47 -49.96
C LEU A 258 14.20 -2.30 -51.47
N TYR A 259 13.25 -1.59 -52.10
CA TYR A 259 13.29 -1.41 -53.54
C TYR A 259 13.61 0.02 -53.95
N LEU A 260 13.79 0.94 -53.00
CA LEU A 260 14.23 2.28 -53.35
C LEU A 260 15.75 2.42 -53.25
N GLU A 261 16.30 2.18 -52.05
CA GLU A 261 17.75 2.12 -51.86
C GLU A 261 18.16 0.66 -51.73
N ASP A 262 18.17 -0.04 -52.86
CA ASP A 262 18.51 -1.46 -52.89
C ASP A 262 20.02 -1.66 -52.89
N THR A 263 20.68 -1.06 -51.91
CA THR A 263 22.13 -1.11 -51.78
C THR A 263 22.49 -2.45 -51.11
N GLY A 264 23.75 -2.61 -50.71
CA GLY A 264 24.18 -3.81 -50.03
C GLY A 264 23.68 -3.89 -48.61
N CYS A 265 24.44 -4.54 -47.73
CA CYS A 265 24.07 -4.61 -46.32
C CYS A 265 23.90 -3.19 -45.78
N TRP A 266 22.67 -2.86 -45.40
CA TRP A 266 22.28 -1.47 -45.19
C TRP A 266 22.71 -0.92 -43.84
N ASP A 267 24.00 -1.06 -43.53
CA ASP A 267 24.56 -0.32 -42.40
C ASP A 267 24.78 1.14 -42.76
N THR A 268 25.17 1.42 -44.01
CA THR A 268 25.33 2.79 -44.45
C THR A 268 23.96 3.44 -44.65
N ASN A 269 23.88 4.73 -44.31
CA ASN A 269 22.65 5.51 -44.39
C ASN A 269 22.86 6.76 -45.22
N ASP A 270 23.50 6.59 -46.38
CA ASP A 270 23.91 7.75 -47.18
C ASP A 270 22.70 8.54 -47.68
N HIS A 271 21.67 7.86 -48.15
CA HIS A 271 20.51 8.57 -48.69
C HIS A 271 19.69 9.20 -47.56
N SER A 272 19.00 10.29 -47.90
CA SER A 272 18.22 11.01 -46.91
C SER A 272 16.89 10.33 -46.58
N VAL A 273 16.23 9.73 -47.56
CA VAL A 273 14.90 9.16 -47.33
C VAL A 273 14.89 8.03 -46.31
N PRO A 274 15.85 7.09 -46.29
CA PRO A 274 15.80 6.05 -45.27
C PRO A 274 16.36 6.47 -43.92
N TRP A 275 16.62 7.77 -43.73
CA TRP A 275 17.17 8.31 -42.51
C TRP A 275 16.20 9.23 -41.79
N TRP A 276 15.51 10.10 -42.53
CA TRP A 276 14.49 10.93 -41.91
C TRP A 276 13.30 10.10 -41.45
N VAL A 277 12.89 9.12 -42.26
CA VAL A 277 11.75 8.28 -41.91
C VAL A 277 12.01 7.47 -40.64
N ILE A 278 13.27 7.37 -40.23
CA ILE A 278 13.61 6.65 -39.01
C ILE A 278 14.07 7.58 -37.90
N ARG A 279 14.39 8.84 -38.22
CA ARG A 279 14.71 9.81 -37.19
C ARG A 279 13.49 10.56 -36.65
N ILE A 280 12.50 10.83 -37.51
CA ILE A 280 11.32 11.57 -37.05
C ILE A 280 10.56 10.86 -35.94
N PRO A 281 10.29 9.54 -36.02
CA PRO A 281 9.60 8.87 -34.90
C PRO A 281 10.46 8.83 -33.63
N ILE A 282 11.70 9.29 -33.73
CA ILE A 282 12.55 9.45 -32.56
C ILE A 282 12.46 10.88 -32.02
N LEU A 283 12.57 11.87 -32.92
CA LEU A 283 12.54 13.26 -32.49
C LEU A 283 11.19 13.63 -31.91
N ILE A 284 10.10 13.14 -32.50
CA ILE A 284 8.78 13.43 -31.95
C ILE A 284 8.66 12.90 -30.53
N SER A 285 9.09 11.66 -30.32
CA SER A 285 9.04 11.08 -28.98
C SER A 285 9.88 11.87 -28.01
N ILE A 286 11.08 12.30 -28.43
CA ILE A 286 11.96 13.04 -27.54
C ILE A 286 11.32 14.37 -27.15
N ILE A 287 10.75 15.08 -28.11
CA ILE A 287 10.15 16.38 -27.83
C ILE A 287 8.95 16.23 -26.90
N VAL A 288 8.05 15.30 -27.20
CA VAL A 288 6.84 15.16 -26.39
C VAL A 288 7.21 14.68 -24.99
N ASN A 289 8.21 13.81 -24.88
CA ASN A 289 8.64 13.38 -23.56
C ASN A 289 9.26 14.53 -22.77
N PHE A 290 10.00 15.41 -23.44
CA PHE A 290 10.56 16.56 -22.75
C PHE A 290 9.46 17.50 -22.24
N VAL A 291 8.44 17.75 -23.07
CA VAL A 291 7.38 18.66 -22.62
C VAL A 291 6.58 18.02 -21.50
N LEU A 292 6.35 16.72 -21.56
CA LEU A 292 5.71 16.04 -20.44
C LEU A 292 6.57 16.12 -19.19
N PHE A 293 7.89 16.04 -19.35
CA PHE A 293 8.79 16.15 -18.22
C PHE A 293 8.69 17.53 -17.56
N ILE A 294 8.65 18.59 -18.35
CA ILE A 294 8.54 19.92 -17.75
C ILE A 294 7.18 20.10 -17.11
N SER A 295 6.12 19.54 -17.69
CA SER A 295 4.79 19.63 -17.07
C SER A 295 4.79 18.92 -15.72
N ILE A 296 5.39 17.73 -15.63
CA ILE A 296 5.44 17.00 -14.38
C ILE A 296 6.30 17.73 -13.36
N ILE A 297 7.37 18.39 -13.82
CA ILE A 297 8.18 19.19 -12.90
C ILE A 297 7.36 20.36 -12.36
N ARG A 298 6.55 20.98 -13.21
CA ARG A 298 5.67 22.05 -12.74
C ARG A 298 4.69 21.54 -11.69
N ILE A 299 4.10 20.36 -11.93
CA ILE A 299 3.16 19.78 -10.97
C ILE A 299 3.85 19.51 -9.64
N LEU A 300 5.04 18.93 -9.69
CA LEU A 300 5.74 18.64 -8.44
C LEU A 300 6.13 19.92 -7.72
N LEU A 301 6.52 20.95 -8.47
CA LEU A 301 6.87 22.22 -7.85
C LEU A 301 5.68 22.84 -7.15
N GLN A 302 4.50 22.81 -7.78
CA GLN A 302 3.32 23.34 -7.12
C GLN A 302 2.88 22.47 -5.95
N LYS A 303 3.21 21.17 -5.96
CA LYS A 303 2.99 20.37 -4.77
C LYS A 303 3.90 20.78 -3.63
N LEU A 304 5.17 21.06 -3.95
CA LEU A 304 6.18 21.36 -2.93
C LEU A 304 6.25 22.83 -2.56
N THR A 305 5.47 23.70 -3.21
CA THR A 305 5.51 25.11 -2.87
C THR A 305 4.82 25.43 -1.56
N SER A 306 4.02 24.51 -1.02
CA SER A 306 3.32 24.73 0.23
C SER A 306 3.03 23.41 0.93
N GLN A 316 11.04 24.01 -0.54
CA GLN A 316 12.31 23.28 -0.47
C GLN A 316 12.84 22.98 -1.87
N TYR A 317 14.15 23.09 -2.04
CA TYR A 317 14.79 22.83 -3.31
C TYR A 317 15.69 21.61 -3.31
N LYS A 318 16.03 21.07 -2.13
CA LYS A 318 16.84 19.86 -2.09
C LYS A 318 16.08 18.67 -2.66
N ARG A 319 14.84 18.46 -2.19
CA ARG A 319 14.07 17.33 -2.70
C ARG A 319 13.63 17.54 -4.14
N LEU A 320 13.43 18.79 -4.57
CA LEU A 320 13.11 19.04 -5.97
C LEU A 320 14.26 18.62 -6.87
N ALA A 321 15.49 18.99 -6.47
CA ALA A 321 16.66 18.57 -7.24
C ALA A 321 16.83 17.05 -7.20
N LYS A 322 16.58 16.44 -6.04
CA LYS A 322 16.68 14.99 -5.94
C LYS A 322 15.69 14.30 -6.87
N SER A 323 14.45 14.78 -6.91
CA SER A 323 13.45 14.20 -7.79
C SER A 323 13.80 14.40 -9.24
N THR A 324 14.30 15.59 -9.60
CA THR A 324 14.68 15.84 -10.99
C THR A 324 15.81 14.92 -11.42
N LEU A 325 16.81 14.74 -10.56
CA LEU A 325 17.91 13.84 -10.89
C LEU A 325 17.42 12.40 -10.99
N LEU A 326 16.50 12.00 -10.10
CA LEU A 326 15.98 10.64 -10.14
C LEU A 326 15.12 10.41 -11.37
N LEU A 327 14.53 11.46 -11.93
CA LEU A 327 13.60 11.33 -13.03
C LEU A 327 14.21 11.57 -14.40
N ILE A 328 15.40 12.18 -14.46
CA ILE A 328 16.05 12.39 -15.76
C ILE A 328 16.30 11.09 -16.52
N PRO A 329 16.93 10.05 -15.93
CA PRO A 329 17.17 8.83 -16.72
C PRO A 329 15.91 8.13 -17.17
N LEU A 330 14.85 8.13 -16.36
CA LEU A 330 13.63 7.41 -16.71
C LEU A 330 12.98 7.99 -17.95
N PHE A 331 12.94 9.32 -18.06
CA PHE A 331 12.35 9.96 -19.21
C PHE A 331 13.28 9.97 -20.42
N GLY A 332 14.56 9.66 -20.23
CA GLY A 332 15.48 9.67 -21.34
C GLY A 332 15.62 11.02 -21.98
N VAL A 333 15.68 12.09 -21.17
CA VAL A 333 15.89 13.44 -21.69
C VAL A 333 17.34 13.68 -22.07
N HIS A 334 18.22 12.70 -21.86
CA HIS A 334 19.60 12.82 -22.33
C HIS A 334 19.65 13.15 -23.82
N TYR A 335 18.83 12.46 -24.60
CA TYR A 335 18.79 12.68 -26.04
C TYR A 335 18.24 14.05 -26.41
N MET A 336 17.66 14.78 -25.45
CA MET A 336 17.19 16.14 -25.74
C MET A 336 18.34 17.03 -26.19
N VAL A 337 19.42 17.05 -25.44
CA VAL A 337 20.59 17.80 -25.84
C VAL A 337 21.37 17.00 -26.89
N PHE A 338 22.10 17.73 -27.73
CA PHE A 338 22.88 17.20 -28.85
C PHE A 338 22.00 16.60 -29.94
N ALA A 339 20.69 16.83 -29.89
CA ALA A 339 19.79 16.49 -30.98
C ALA A 339 19.13 17.73 -31.57
N VAL A 340 18.51 18.56 -30.73
CA VAL A 340 18.03 19.85 -31.18
C VAL A 340 19.21 20.77 -31.51
N PHE A 341 20.26 20.69 -30.71
CA PHE A 341 21.49 21.43 -31.00
C PHE A 341 22.07 20.96 -32.33
N PRO A 342 22.67 21.86 -33.11
CA PRO A 342 23.22 21.45 -34.42
C PRO A 342 24.27 20.35 -34.26
N ILE A 343 24.29 19.44 -35.24
CA ILE A 343 25.20 18.30 -35.22
C ILE A 343 26.52 18.71 -35.88
N SER A 344 26.68 20.01 -36.11
CA SER A 344 27.89 20.53 -36.73
C SER A 344 29.07 20.62 -35.77
N ILE A 345 28.90 20.20 -34.52
CA ILE A 345 29.99 20.28 -33.55
C ILE A 345 30.78 18.97 -33.69
N SER A 346 31.65 18.94 -34.70
CA SER A 346 32.59 17.85 -34.95
C SER A 346 31.90 16.54 -35.26
N SER A 347 30.57 16.50 -35.20
CA SER A 347 29.76 15.31 -35.43
C SER A 347 30.29 14.09 -34.66
N LYS A 348 31.00 14.33 -33.56
CA LYS A 348 31.71 13.26 -32.87
C LYS A 348 31.40 13.27 -31.38
N TYR A 349 31.15 14.46 -30.83
CA TYR A 349 30.92 14.57 -29.39
C TYR A 349 29.61 13.88 -29.00
N GLN A 350 28.59 13.95 -29.84
CA GLN A 350 27.33 13.29 -29.53
C GLN A 350 27.48 11.77 -29.50
N ILE A 351 28.44 11.22 -30.24
CA ILE A 351 28.73 9.79 -30.13
C ILE A 351 29.21 9.48 -28.72
N LEU A 352 30.12 10.31 -28.18
CA LEU A 352 30.57 10.13 -26.81
C LEU A 352 29.42 10.30 -25.83
N PHE A 353 28.55 11.26 -26.10
CA PHE A 353 27.44 11.53 -25.18
C PHE A 353 26.48 10.35 -25.10
N GLU A 354 26.14 9.76 -26.26
CA GLU A 354 25.11 8.72 -26.28
C GLU A 354 25.68 7.32 -26.16
N LEU A 355 26.58 6.91 -27.05
CA LEU A 355 27.05 5.54 -27.03
C LEU A 355 27.98 5.23 -25.88
N CYS A 356 28.52 6.25 -25.20
CA CYS A 356 29.39 6.03 -24.06
C CYS A 356 28.73 6.38 -22.74
N LEU A 357 28.15 7.58 -22.64
CA LEU A 357 27.47 7.98 -21.42
C LEU A 357 26.00 7.56 -21.46
N GLY A 358 25.30 7.90 -22.54
CA GLY A 358 23.89 7.54 -22.64
C GLY A 358 23.64 6.04 -22.68
N SER A 359 24.59 5.28 -23.23
CA SER A 359 24.45 3.84 -23.28
C SER A 359 24.39 3.21 -21.91
N PHE A 360 24.80 3.94 -20.87
CA PHE A 360 24.71 3.47 -19.50
C PHE A 360 23.33 3.68 -18.91
N GLN A 361 22.34 4.08 -19.72
CA GLN A 361 20.99 4.31 -19.19
C GLN A 361 20.44 3.05 -18.54
N GLY A 362 20.66 1.90 -19.16
CA GLY A 362 20.20 0.65 -18.56
C GLY A 362 20.80 0.41 -17.18
N LEU A 363 22.00 0.93 -16.94
CA LEU A 363 22.60 0.79 -15.62
C LEU A 363 21.97 1.73 -14.61
N VAL A 364 21.41 2.85 -15.05
CA VAL A 364 20.91 3.86 -14.13
C VAL A 364 19.39 3.91 -14.17
N VAL A 365 18.78 2.85 -14.71
CA VAL A 365 17.34 2.65 -14.64
C VAL A 365 16.98 1.45 -13.77
N ALA A 366 17.69 0.34 -13.96
CA ALA A 366 17.47 -0.82 -13.11
C ALA A 366 17.93 -0.56 -11.68
N VAL A 367 18.94 0.29 -11.49
CA VAL A 367 19.49 0.51 -10.16
C VAL A 367 18.53 1.31 -9.30
N LEU A 368 17.77 2.24 -9.89
CA LEU A 368 16.91 3.12 -9.12
C LEU A 368 15.43 2.91 -9.40
N TYR A 369 15.07 1.84 -10.11
CA TYR A 369 13.67 1.44 -10.24
C TYR A 369 13.45 -0.05 -10.03
N CYS A 370 14.51 -0.85 -9.89
CA CYS A 370 14.37 -2.25 -9.51
C CYS A 370 15.35 -2.69 -8.44
N PHE A 371 16.38 -1.91 -8.14
CA PHE A 371 17.37 -2.24 -7.13
C PHE A 371 17.21 -1.41 -5.87
N LEU A 372 17.14 -0.08 -6.00
CA LEU A 372 16.94 0.82 -4.89
C LEU A 372 15.52 1.38 -4.83
N ASN A 373 14.53 0.58 -5.19
CA ASN A 373 13.13 0.96 -5.02
C ASN A 373 12.65 0.47 -3.66
N SER A 374 12.04 1.37 -2.88
CA SER A 374 11.66 1.02 -1.52
C SER A 374 10.63 -0.10 -1.50
N GLU A 375 9.65 -0.06 -2.40
CA GLU A 375 8.59 -1.04 -2.39
C GLU A 375 9.04 -2.43 -2.82
N VAL A 376 10.23 -2.55 -3.40
CA VAL A 376 10.71 -3.87 -3.79
C VAL A 376 11.74 -4.34 -2.76
N GLN A 377 12.51 -3.41 -2.21
CA GLN A 377 13.42 -3.78 -1.12
C GLN A 377 12.65 -4.21 0.11
N CYS A 378 11.45 -3.65 0.32
CA CYS A 378 10.63 -4.00 1.46
C CYS A 378 10.24 -5.48 1.48
N GLU A 379 10.28 -6.15 0.33
CA GLU A 379 10.05 -7.58 0.27
C GLU A 379 11.29 -8.40 -0.06
N LEU A 380 12.30 -7.80 -0.69
CA LEU A 380 13.60 -8.47 -0.72
C LEU A 380 14.16 -8.68 0.68
N LYS A 381 13.92 -7.76 1.61
CA LYS A 381 14.43 -7.96 2.97
C LYS A 381 13.77 -9.16 3.62
N ARG A 382 12.46 -9.33 3.46
CA ARG A 382 11.79 -10.48 4.07
C ARG A 382 12.13 -11.77 3.32
N LYS A 383 12.39 -11.69 2.01
CA LYS A 383 12.86 -12.86 1.30
C LYS A 383 14.23 -13.29 1.80
N TRP A 384 15.12 -12.33 2.04
CA TRP A 384 16.46 -12.62 2.55
C TRP A 384 16.45 -13.08 4.00
N ARG A 385 15.42 -12.69 4.76
CA ARG A 385 15.32 -13.16 6.14
C ARG A 385 14.61 -14.51 6.24
N SER A 386 13.73 -14.83 5.28
CA SER A 386 12.92 -16.03 5.40
C SER A 386 13.71 -17.29 5.11
N ARG A 387 14.56 -17.27 4.09
CA ARG A 387 15.26 -18.48 3.68
C ARG A 387 16.34 -18.86 4.70
N HIS B 1 18.79 8.13 -34.60
CA HIS B 1 19.54 7.71 -33.42
C HIS B 1 21.04 7.81 -33.67
N SER B 2 21.80 7.87 -32.58
CA SER B 2 23.25 8.03 -32.69
C SER B 2 23.94 6.75 -33.11
N ASP B 3 23.36 5.60 -32.77
CA ASP B 3 23.99 4.33 -33.10
C ASP B 3 24.11 4.15 -34.61
N GLY B 4 23.08 4.56 -35.35
CA GLY B 4 23.18 4.53 -36.81
C GLY B 4 24.31 5.41 -37.32
N ILE B 5 24.50 6.58 -36.70
CA ILE B 5 25.59 7.46 -37.10
C ILE B 5 26.94 6.80 -36.84
N PHE B 6 27.13 6.21 -35.67
CA PHE B 6 28.42 5.56 -35.38
C PHE B 6 28.65 4.39 -36.32
N THR B 7 27.61 3.60 -36.59
CA THR B 7 27.76 2.48 -37.52
C THR B 7 28.13 2.97 -38.91
N ASP B 8 27.49 4.06 -39.36
CA ASP B 8 27.83 4.61 -40.67
C ASP B 8 29.29 5.06 -40.72
N SER B 9 29.74 5.76 -39.69
CA SER B 9 31.13 6.21 -39.67
C SER B 9 32.09 5.04 -39.67
N TYR B 10 31.83 4.03 -38.83
CA TYR B 10 32.71 2.88 -38.75
C TYR B 10 32.74 2.10 -40.04
N SER B 11 31.58 1.93 -40.69
CA SER B 11 31.53 1.23 -41.96
C SER B 11 32.29 1.98 -43.04
N ARG B 12 32.14 3.31 -43.08
CA ARG B 12 32.89 4.08 -44.07
C ARG B 12 34.39 3.98 -43.83
N TYR B 13 34.81 4.03 -42.56
CA TYR B 13 36.24 3.90 -42.28
C TYR B 13 36.76 2.52 -42.61
N ARG B 14 35.97 1.47 -42.34
CA ARG B 14 36.40 0.12 -42.68
C ARG B 14 36.56 -0.04 -44.18
N LYS B 15 35.61 0.49 -44.96
CA LYS B 15 35.76 0.47 -46.40
C LYS B 15 36.99 1.25 -46.85
N GLN B 16 37.26 2.37 -46.20
CA GLN B 16 38.45 3.15 -46.53
C GLN B 16 39.72 2.35 -46.27
N MET B 17 39.78 1.66 -45.13
CA MET B 17 40.95 0.83 -44.85
C MET B 17 41.10 -0.25 -45.90
N ALA B 18 39.99 -0.89 -46.28
CA ALA B 18 40.06 -1.97 -47.26
C ALA B 18 40.55 -1.45 -48.61
N VAL B 19 40.05 -0.30 -49.06
CA VAL B 19 40.48 0.21 -50.36
C VAL B 19 41.94 0.66 -50.29
N LYS B 20 42.37 1.25 -49.18
CA LYS B 20 43.76 1.62 -49.02
C LYS B 20 44.67 0.41 -49.10
N LYS B 21 44.29 -0.68 -48.42
CA LYS B 21 45.08 -1.90 -48.48
C LYS B 21 45.10 -2.47 -49.89
N TYR B 22 43.96 -2.42 -50.59
CA TYR B 22 43.92 -2.97 -51.94
C TYR B 22 44.84 -2.20 -52.88
N LEU B 23 44.80 -0.87 -52.86
CA LEU B 23 45.71 -0.11 -53.70
C LEU B 23 47.16 -0.24 -53.25
N ALA B 24 47.40 -0.42 -51.95
CA ALA B 24 48.75 -0.67 -51.48
C ALA B 24 49.28 -1.99 -52.05
N ALA B 25 48.43 -3.01 -52.09
CA ALA B 25 48.82 -4.28 -52.72
C ALA B 25 49.00 -4.12 -54.22
N VAL B 26 48.24 -3.23 -54.85
CA VAL B 26 48.33 -3.04 -56.29
C VAL B 26 49.40 -2.01 -56.61
N LEU B 27 49.23 -0.79 -56.12
CA LEU B 27 50.20 0.28 -56.37
C LEU B 27 51.34 0.22 -55.37
N THR C 9 -16.09 -43.01 -11.85
CA THR C 9 -16.00 -41.61 -11.45
C THR C 9 -16.49 -40.69 -12.55
N GLU C 10 -17.21 -41.26 -13.52
CA GLU C 10 -17.76 -40.47 -14.61
C GLU C 10 -18.94 -39.60 -14.19
N ASP C 11 -19.47 -39.81 -12.99
CA ASP C 11 -20.57 -39.01 -12.46
C ASP C 11 -20.10 -37.72 -11.81
N GLN C 12 -18.79 -37.47 -11.75
CA GLN C 12 -18.24 -36.28 -11.16
C GLN C 12 -17.77 -35.25 -12.18
N ARG C 13 -17.45 -35.67 -13.40
CA ARG C 13 -16.96 -34.73 -14.41
C ARG C 13 -18.02 -33.69 -14.75
N ASN C 14 -19.27 -34.11 -14.88
CA ASN C 14 -20.35 -33.17 -15.16
C ASN C 14 -20.52 -32.18 -14.02
N GLU C 15 -20.48 -32.66 -12.79
CA GLU C 15 -20.63 -31.76 -11.64
C GLU C 15 -19.43 -30.84 -11.50
N GLU C 16 -18.23 -31.35 -11.79
CA GLU C 16 -17.05 -30.50 -11.78
C GLU C 16 -17.17 -29.39 -12.83
N LYS C 17 -17.66 -29.73 -14.02
CA LYS C 17 -17.86 -28.72 -15.05
C LYS C 17 -18.92 -27.71 -14.64
N ALA C 18 -19.98 -28.17 -13.99
CA ALA C 18 -21.02 -27.23 -13.52
C ALA C 18 -20.46 -26.30 -12.46
N GLN C 19 -19.63 -26.83 -11.55
CA GLN C 19 -19.00 -25.98 -10.55
C GLN C 19 -18.05 -24.98 -11.19
N ARG C 20 -17.34 -25.40 -12.23
CA ARG C 20 -16.49 -24.47 -12.96
C ARG C 20 -17.32 -23.39 -13.65
N GLU C 21 -18.49 -23.76 -14.16
CA GLU C 21 -19.40 -22.77 -14.74
C GLU C 21 -19.83 -21.75 -13.69
N ALA C 22 -20.19 -22.24 -12.50
CA ALA C 22 -20.55 -21.33 -11.42
C ALA C 22 -19.37 -20.43 -11.05
N ASN C 23 -18.17 -21.00 -10.95
CA ASN C 23 -17.00 -20.21 -10.58
C ASN C 23 -16.70 -19.14 -11.61
N LYS C 24 -16.75 -19.48 -12.90
CA LYS C 24 -16.46 -18.47 -13.93
C LYS C 24 -17.57 -17.41 -13.99
N LYS C 25 -18.82 -17.81 -13.75
CA LYS C 25 -19.88 -16.81 -13.65
C LYS C 25 -19.63 -15.86 -12.49
N ILE C 26 -19.15 -16.39 -11.36
CA ILE C 26 -18.90 -15.55 -10.20
C ILE C 26 -17.72 -14.62 -10.44
N GLU C 27 -16.65 -15.11 -11.06
CA GLU C 27 -15.55 -14.22 -11.38
C GLU C 27 -15.97 -13.15 -12.38
N LYS C 28 -16.87 -13.49 -13.30
CA LYS C 28 -17.43 -12.46 -14.17
C LYS C 28 -18.22 -11.43 -13.38
N GLN C 29 -18.96 -11.88 -12.37
CA GLN C 29 -19.73 -10.96 -11.53
C GLN C 29 -18.82 -10.08 -10.68
N LEU C 30 -17.61 -10.55 -10.36
CA LEU C 30 -16.69 -9.79 -9.51
C LEU C 30 -15.79 -8.85 -10.30
N GLN C 31 -15.37 -9.22 -11.52
CA GLN C 31 -14.52 -8.34 -12.30
C GLN C 31 -15.25 -7.10 -12.77
N LYS C 32 -16.59 -7.14 -12.84
CA LYS C 32 -17.34 -5.93 -13.17
C LYS C 32 -17.44 -4.98 -11.98
N ASP C 33 -17.51 -5.52 -10.76
CA ASP C 33 -17.53 -4.68 -9.56
C ASP C 33 -16.13 -4.24 -9.14
N LYS C 34 -15.09 -4.87 -9.71
CA LYS C 34 -13.73 -4.35 -9.61
C LYS C 34 -13.68 -2.85 -9.86
N GLN C 35 -14.11 -2.44 -11.06
CA GLN C 35 -14.06 -1.03 -11.43
C GLN C 35 -15.01 -0.18 -10.60
N VAL C 36 -16.17 -0.74 -10.22
CA VAL C 36 -17.11 0.02 -9.41
C VAL C 36 -16.50 0.37 -8.06
N TYR C 37 -15.82 -0.59 -7.44
CA TYR C 37 -15.18 -0.32 -6.15
C TYR C 37 -13.98 0.59 -6.30
N ARG C 38 -13.22 0.46 -7.40
CA ARG C 38 -12.06 1.32 -7.57
C ARG C 38 -12.41 2.71 -8.12
N ALA C 39 -13.67 2.95 -8.47
CA ALA C 39 -14.03 4.25 -9.02
C ALA C 39 -14.35 5.27 -7.94
N THR C 40 -15.19 4.89 -6.97
CA THR C 40 -15.65 5.82 -5.96
C THR C 40 -14.54 6.14 -4.95
N HIS C 41 -14.68 7.30 -4.32
CA HIS C 41 -13.79 7.72 -3.25
C HIS C 41 -14.56 7.73 -1.94
N ARG C 42 -14.02 7.05 -0.93
CA ARG C 42 -14.65 6.97 0.37
C ARG C 42 -14.12 8.11 1.25
N LEU C 43 -15.03 8.94 1.72
CA LEU C 43 -14.70 10.07 2.58
C LEU C 43 -15.40 9.90 3.92
N LEU C 44 -14.65 9.94 5.00
CA LEU C 44 -15.24 9.80 6.33
C LEU C 44 -15.48 11.19 6.89
N LEU C 45 -16.73 11.56 7.07
CA LEU C 45 -17.07 12.85 7.65
C LEU C 45 -17.13 12.70 9.16
N LEU C 46 -16.48 13.61 9.87
CA LEU C 46 -16.28 13.49 11.30
C LEU C 46 -16.27 14.88 11.92
N GLY C 47 -16.51 14.93 13.22
CA GLY C 47 -16.42 16.19 13.93
C GLY C 47 -17.34 16.19 15.13
N ALA C 48 -17.26 17.30 15.88
CA ALA C 48 -18.12 17.48 17.03
C ALA C 48 -19.56 17.70 16.59
N GLY C 49 -20.49 17.21 17.42
CA GLY C 49 -21.90 17.32 17.09
C GLY C 49 -22.41 18.76 17.08
N GLU C 50 -21.91 19.58 17.99
CA GLU C 50 -22.39 20.95 18.15
C GLU C 50 -21.90 21.88 17.04
N SER C 51 -21.24 21.36 16.02
CA SER C 51 -20.78 22.17 14.90
C SER C 51 -21.87 22.25 13.83
N GLY C 52 -21.51 22.75 12.65
CA GLY C 52 -22.42 22.80 11.54
C GLY C 52 -22.33 21.55 10.69
N LYS C 53 -22.04 20.42 11.34
CA LYS C 53 -21.85 19.16 10.62
C LYS C 53 -23.12 18.75 9.87
N ASN C 54 -24.25 18.79 10.56
CA ASN C 54 -25.51 18.42 9.91
C ASN C 54 -25.86 19.41 8.80
N THR C 55 -25.56 20.69 9.00
CA THR C 55 -25.76 21.67 7.93
C THR C 55 -24.89 21.34 6.73
N ILE C 56 -23.64 20.94 6.98
CA ILE C 56 -22.73 20.61 5.89
C ILE C 56 -23.25 19.41 5.09
N VAL C 57 -23.68 18.36 5.80
CA VAL C 57 -24.16 17.19 5.09
C VAL C 57 -25.47 17.48 4.36
N LYS C 58 -26.33 18.33 4.94
CA LYS C 58 -27.56 18.72 4.26
C LYS C 58 -27.26 19.51 2.99
N GLN C 59 -26.26 20.39 3.04
CA GLN C 59 -25.85 21.10 1.84
C GLN C 59 -25.29 20.13 0.80
N MET C 60 -24.53 19.13 1.25
CA MET C 60 -24.00 18.12 0.33
C MET C 60 -25.13 17.33 -0.32
N ARG C 61 -26.23 17.13 0.40
CA ARG C 61 -27.39 16.45 -0.20
C ARG C 61 -27.94 17.26 -1.36
N ILE C 62 -28.03 18.57 -1.22
CA ILE C 62 -28.53 19.44 -2.27
C ILE C 62 -27.39 19.89 -3.17
N THR C 204 -31.41 6.59 12.37
CA THR C 204 -31.53 5.40 13.22
C THR C 204 -30.40 4.42 12.92
N SER C 205 -30.04 4.30 11.65
CA SER C 205 -28.95 3.43 11.25
C SER C 205 -27.62 3.99 11.72
N GLY C 206 -26.63 3.09 11.83
CA GLY C 206 -25.33 3.49 12.36
C GLY C 206 -24.59 4.44 11.44
N ILE C 207 -24.67 4.22 10.13
CA ILE C 207 -23.96 5.03 9.15
C ILE C 207 -24.96 5.58 8.15
N PHE C 208 -24.92 6.89 7.93
CA PHE C 208 -25.77 7.54 6.94
C PHE C 208 -24.96 7.73 5.67
N GLU C 209 -25.39 7.05 4.59
CA GLU C 209 -24.71 7.16 3.32
C GLU C 209 -24.94 8.54 2.71
N THR C 210 -24.03 8.94 1.82
CA THR C 210 -24.22 10.15 1.02
C THR C 210 -23.39 10.00 -0.23
N LYS C 211 -24.04 9.79 -1.37
CA LYS C 211 -23.38 9.66 -2.65
C LYS C 211 -23.53 10.97 -3.42
N PHE C 212 -22.44 11.45 -4.02
CA PHE C 212 -22.58 12.62 -4.88
C PHE C 212 -21.48 12.63 -5.93
N GLN C 213 -21.81 13.18 -7.09
CA GLN C 213 -20.91 13.27 -8.22
C GLN C 213 -20.36 14.69 -8.33
N VAL C 214 -19.05 14.81 -8.50
CA VAL C 214 -18.41 16.09 -8.77
C VAL C 214 -17.47 15.91 -9.94
N ASP C 215 -17.68 16.68 -11.01
CA ASP C 215 -16.87 16.57 -12.22
C ASP C 215 -16.81 15.12 -12.70
N LYS C 216 -17.93 14.42 -12.56
CA LYS C 216 -18.07 13.02 -12.96
C LYS C 216 -17.07 12.10 -12.26
N VAL C 217 -16.81 12.38 -10.98
CA VAL C 217 -16.19 11.41 -10.08
C VAL C 217 -17.11 11.23 -8.88
N ASN C 218 -17.21 10.00 -8.39
CA ASN C 218 -18.22 9.63 -7.41
C ASN C 218 -17.60 9.64 -6.02
N PHE C 219 -18.31 10.26 -5.08
CA PHE C 219 -17.89 10.36 -3.69
C PHE C 219 -18.92 9.69 -2.80
N HIS C 220 -18.46 8.79 -1.94
CA HIS C 220 -19.27 8.21 -0.88
C HIS C 220 -18.86 8.88 0.43
N MET C 221 -19.78 9.61 1.03
CA MET C 221 -19.51 10.34 2.26
C MET C 221 -20.22 9.63 3.39
N PHE C 222 -19.44 8.98 4.27
CA PHE C 222 -20.01 8.13 5.30
C PHE C 222 -20.15 8.90 6.60
N ASP C 223 -21.17 9.75 6.65
CA ASP C 223 -21.54 10.41 7.90
C ASP C 223 -21.88 9.37 8.94
N VAL C 224 -21.33 9.53 10.14
CA VAL C 224 -21.60 8.60 11.23
C VAL C 224 -22.94 8.97 11.86
N GLY C 225 -23.82 7.97 12.01
CA GLY C 225 -25.15 8.23 12.52
C GLY C 225 -25.29 7.96 14.00
N ALA C 226 -26.32 7.21 14.38
CA ALA C 226 -26.60 6.97 15.79
C ALA C 226 -25.60 5.99 16.37
N GLN C 227 -24.46 6.51 16.83
CA GLN C 227 -23.42 5.70 17.43
C GLN C 227 -23.03 6.31 18.77
N ARG C 228 -22.16 5.60 19.49
CA ARG C 228 -21.72 6.07 20.78
C ARG C 228 -20.57 7.06 20.64
N ASP C 229 -20.21 7.69 21.75
CA ASP C 229 -19.12 8.66 21.74
C ASP C 229 -17.78 8.00 21.50
N GLU C 230 -17.61 6.75 21.94
CA GLU C 230 -16.34 6.05 21.77
C GLU C 230 -16.04 5.89 20.28
N ARG C 231 -14.80 6.22 19.90
CA ARG C 231 -14.37 6.14 18.52
C ARG C 231 -13.18 5.22 18.32
N ARG C 232 -12.72 4.54 19.37
CA ARG C 232 -11.47 3.79 19.28
C ARG C 232 -11.57 2.62 18.31
N LYS C 233 -12.77 2.07 18.12
CA LYS C 233 -12.92 0.79 17.44
C LYS C 233 -13.46 0.91 16.02
N TRP C 234 -14.58 1.59 15.84
CA TRP C 234 -15.15 1.70 14.50
C TRP C 234 -14.40 2.69 13.62
N ILE C 235 -13.40 3.38 14.15
CA ILE C 235 -12.52 4.19 13.32
C ILE C 235 -11.43 3.33 12.67
N GLN C 236 -11.06 2.23 13.31
CA GLN C 236 -10.03 1.35 12.75
C GLN C 236 -10.41 0.85 11.36
N CYS C 237 -11.70 0.63 11.11
CA CYS C 237 -12.13 0.18 9.79
C CYS C 237 -12.17 1.31 8.77
N PHE C 238 -12.01 2.56 9.21
CA PHE C 238 -11.95 3.70 8.30
C PHE C 238 -10.51 4.06 7.94
N ASN C 239 -9.73 3.09 7.49
CA ASN C 239 -8.35 3.36 7.08
C ASN C 239 -8.15 3.28 5.57
N ASP C 240 -9.11 2.72 4.83
CA ASP C 240 -9.07 2.71 3.39
C ASP C 240 -9.71 3.96 2.78
N VAL C 241 -10.31 4.82 3.59
CA VAL C 241 -10.98 6.00 3.07
C VAL C 241 -9.95 6.94 2.46
N THR C 242 -10.39 7.64 1.41
CA THR C 242 -9.50 8.59 0.74
C THR C 242 -9.09 9.71 1.68
N ALA C 243 -10.03 10.24 2.45
CA ALA C 243 -9.71 11.32 3.38
C ALA C 243 -10.74 11.34 4.50
N ILE C 244 -10.34 11.99 5.59
CA ILE C 244 -11.19 12.18 6.75
C ILE C 244 -11.52 13.66 6.82
N ILE C 245 -12.73 14.03 6.40
CA ILE C 245 -13.19 15.39 6.61
C ILE C 245 -13.42 15.60 8.09
N PHE C 246 -12.85 16.67 8.63
CA PHE C 246 -12.91 16.95 10.06
C PHE C 246 -13.51 18.34 10.21
N VAL C 247 -14.78 18.41 10.57
CA VAL C 247 -15.47 19.67 10.71
C VAL C 247 -15.41 20.11 12.16
N VAL C 248 -14.76 21.24 12.43
CA VAL C 248 -14.57 21.75 13.77
C VAL C 248 -15.05 23.19 13.83
N ALA C 249 -15.81 23.51 14.88
CA ALA C 249 -16.37 24.83 15.05
C ALA C 249 -15.42 25.68 15.87
N SER C 250 -15.21 26.92 15.43
CA SER C 250 -14.32 27.85 16.13
C SER C 250 -15.07 28.69 17.15
N SER C 251 -15.80 28.02 18.05
CA SER C 251 -16.50 28.70 19.14
C SER C 251 -15.58 28.68 20.35
N SER C 252 -14.82 29.75 20.53
CA SER C 252 -13.81 29.85 21.58
C SER C 252 -14.42 29.70 22.97
N ASN C 261 -21.06 30.54 26.39
CA ASN C 261 -20.27 29.35 26.15
C ASN C 261 -20.12 28.53 27.43
N GLN C 262 -20.59 27.28 27.39
CA GLN C 262 -20.52 26.42 28.56
C GLN C 262 -19.11 25.87 28.77
N THR C 263 -18.61 25.10 27.82
CA THR C 263 -17.27 24.54 27.89
C THR C 263 -16.57 24.76 26.55
N ASN C 264 -15.25 24.82 26.60
CA ASN C 264 -14.47 25.12 25.40
C ASN C 264 -14.58 23.98 24.40
N ARG C 265 -14.80 24.33 23.13
CA ARG C 265 -14.90 23.35 22.06
C ARG C 265 -13.60 23.17 21.29
N LEU C 266 -12.75 24.20 21.26
CA LEU C 266 -11.54 24.12 20.45
C LEU C 266 -10.48 23.24 21.09
N GLN C 267 -10.40 23.22 22.42
CA GLN C 267 -9.40 22.37 23.06
C GLN C 267 -9.77 20.90 22.94
N ALA C 268 -11.06 20.57 23.13
CA ALA C 268 -11.48 19.18 22.98
C ALA C 268 -11.31 18.70 21.55
N ALA C 269 -11.68 19.53 20.58
CA ALA C 269 -11.52 19.16 19.19
C ALA C 269 -10.04 19.09 18.79
N LEU C 270 -9.22 19.96 19.37
CA LEU C 270 -7.78 19.89 19.11
C LEU C 270 -7.21 18.59 19.64
N LYS C 271 -7.62 18.17 20.84
CA LYS C 271 -7.17 16.90 21.37
C LYS C 271 -7.66 15.74 20.49
N LEU C 272 -8.89 15.83 19.99
CA LEU C 272 -9.41 14.76 19.16
C LEU C 272 -8.63 14.66 17.85
N PHE C 273 -8.27 15.80 17.28
CA PHE C 273 -7.42 15.81 16.09
C PHE C 273 -6.03 15.26 16.41
N ASP C 274 -5.54 15.53 17.61
CA ASP C 274 -4.26 14.98 18.04
C ASP C 274 -4.32 13.46 18.06
N SER C 275 -5.42 12.92 18.57
CA SER C 275 -5.58 11.47 18.62
C SER C 275 -5.74 10.89 17.21
N ILE C 276 -6.45 11.60 16.33
CA ILE C 276 -6.61 11.13 14.96
C ILE C 276 -5.26 11.09 14.24
N TRP C 277 -4.45 12.15 14.42
CA TRP C 277 -3.23 12.30 13.63
C TRP C 277 -2.25 11.17 13.89
N ASN C 278 -2.04 10.83 15.15
CA ASN C 278 -0.97 9.92 15.53
C ASN C 278 -1.40 8.46 15.53
N ASN C 279 -2.64 8.15 15.14
CA ASN C 279 -3.12 6.78 15.18
C ASN C 279 -2.31 5.90 14.23
N LYS C 280 -2.11 4.65 14.63
CA LYS C 280 -1.25 3.72 13.90
C LYS C 280 -1.81 3.34 12.55
N TRP C 281 -3.14 3.19 12.43
CA TRP C 281 -3.74 2.81 11.16
C TRP C 281 -4.15 4.01 10.34
N LEU C 282 -4.14 5.19 10.93
CA LEU C 282 -4.50 6.43 10.23
C LEU C 282 -3.27 7.24 9.84
N ARG C 283 -2.08 6.64 9.89
CA ARG C 283 -0.88 7.36 9.47
C ARG C 283 -0.81 7.57 7.97
N ASP C 284 -1.70 6.96 7.20
CA ASP C 284 -1.70 7.12 5.75
C ASP C 284 -2.96 7.79 5.21
N THR C 285 -3.93 8.11 6.06
CA THR C 285 -5.16 8.75 5.61
C THR C 285 -5.10 10.24 5.91
N SER C 286 -5.17 11.05 4.88
CA SER C 286 -5.13 12.50 5.03
C SER C 286 -6.39 13.01 5.70
N VAL C 287 -6.27 14.18 6.32
CA VAL C 287 -7.37 14.82 7.02
C VAL C 287 -7.60 16.19 6.39
N ILE C 288 -8.87 16.54 6.21
CA ILE C 288 -9.24 17.82 5.62
C ILE C 288 -9.97 18.62 6.68
N LEU C 289 -9.35 19.71 7.15
CA LEU C 289 -9.90 20.49 8.24
C LEU C 289 -10.87 21.54 7.72
N PHE C 290 -12.07 21.59 8.30
CA PHE C 290 -13.02 22.67 8.04
C PHE C 290 -13.23 23.46 9.32
N LEU C 291 -12.71 24.67 9.36
CA LEU C 291 -12.92 25.58 10.48
C LEU C 291 -14.22 26.33 10.22
N ASN C 292 -15.29 25.92 10.87
CA ASN C 292 -16.60 26.52 10.68
C ASN C 292 -16.81 27.70 11.62
N LYS C 293 -17.92 28.40 11.40
CA LYS C 293 -18.34 29.52 12.24
C LYS C 293 -17.29 30.62 12.31
N GLN C 294 -16.55 30.82 11.22
CA GLN C 294 -15.56 31.89 11.20
C GLN C 294 -16.22 33.26 11.28
N ASP C 295 -17.43 33.40 10.74
CA ASP C 295 -18.13 34.67 10.83
C ASP C 295 -18.58 34.96 12.26
N LEU C 296 -18.81 33.93 13.06
CA LEU C 296 -19.19 34.15 14.46
C LEU C 296 -18.07 34.83 15.24
N LEU C 297 -16.80 34.61 14.86
CA LEU C 297 -15.71 35.27 15.56
C LEU C 297 -15.79 36.78 15.42
N ALA C 298 -16.36 37.28 14.31
CA ALA C 298 -16.53 38.71 14.16
C ALA C 298 -17.40 39.30 15.25
N GLU C 299 -18.50 38.62 15.59
CA GLU C 299 -19.38 39.06 16.65
C GLU C 299 -18.92 38.61 18.03
N LYS C 300 -17.95 37.69 18.12
CA LYS C 300 -17.47 37.23 19.40
C LYS C 300 -16.28 38.03 19.92
N VAL C 301 -15.49 38.63 19.02
CA VAL C 301 -14.35 39.45 19.45
C VAL C 301 -14.74 40.84 19.89
N LEU C 302 -15.99 41.25 19.65
CA LEU C 302 -16.43 42.60 20.01
C LEU C 302 -16.91 42.70 21.45
N ALA C 303 -16.93 41.59 22.20
CA ALA C 303 -17.38 41.62 23.57
C ALA C 303 -16.36 42.25 24.52
N GLY C 304 -15.14 42.51 24.06
CA GLY C 304 -14.11 43.06 24.92
C GLY C 304 -13.27 41.99 25.57
N LYS C 305 -13.55 41.68 26.83
CA LYS C 305 -12.86 40.60 27.54
C LYS C 305 -13.53 39.27 27.16
N SER C 306 -13.31 38.88 25.91
CA SER C 306 -13.97 37.72 25.34
C SER C 306 -13.28 36.44 25.81
N LYS C 307 -13.69 35.31 25.23
CA LYS C 307 -13.11 34.01 25.55
C LYS C 307 -11.95 33.65 24.62
N ILE C 308 -11.52 34.58 23.77
CA ILE C 308 -10.47 34.29 22.80
C ILE C 308 -9.07 34.61 23.33
N GLU C 309 -8.95 35.46 24.34
CA GLU C 309 -7.64 35.87 24.84
C GLU C 309 -7.28 35.24 26.18
N ASP C 310 -8.24 34.69 26.91
CA ASP C 310 -7.97 34.13 28.23
C ASP C 310 -7.69 32.63 28.15
N TYR C 311 -8.56 31.86 27.49
CA TYR C 311 -8.37 30.42 27.38
C TYR C 311 -7.19 30.05 26.49
N PHE C 312 -6.63 31.01 25.76
CA PHE C 312 -5.44 30.79 24.93
C PHE C 312 -4.53 31.99 25.07
N PRO C 313 -3.80 32.08 26.19
CA PRO C 313 -2.94 33.25 26.39
C PRO C 313 -1.83 33.39 25.35
N GLU C 314 -1.49 32.32 24.64
CA GLU C 314 -0.50 32.43 23.58
C GLU C 314 -0.97 33.32 22.44
N PHE C 315 -2.27 33.60 22.37
CA PHE C 315 -2.79 34.56 21.40
C PHE C 315 -2.48 35.99 21.78
N ALA C 316 -2.18 36.25 23.06
CA ALA C 316 -1.95 37.62 23.52
C ALA C 316 -0.69 38.23 22.92
N ARG C 317 0.24 37.41 22.42
CA ARG C 317 1.48 37.91 21.83
C ARG C 317 1.73 37.25 20.48
N TYR C 318 0.68 37.11 19.68
CA TYR C 318 0.77 36.49 18.37
C TYR C 318 0.72 37.57 17.29
N THR C 319 1.66 37.49 16.35
CA THR C 319 1.72 38.42 15.23
C THR C 319 1.27 37.72 13.97
N THR C 320 0.30 38.32 13.27
CA THR C 320 -0.27 37.67 12.10
C THR C 320 0.79 37.48 11.02
N PRO C 321 0.80 36.34 10.34
CA PRO C 321 1.78 36.13 9.26
C PRO C 321 1.58 37.13 8.14
N GLU C 322 2.70 37.56 7.55
CA GLU C 322 2.64 38.50 6.43
C GLU C 322 2.17 37.82 5.16
N ASP C 323 2.60 36.57 4.94
CA ASP C 323 2.23 35.85 3.73
C ASP C 323 0.77 35.43 3.71
N ALA C 324 0.06 35.55 4.83
CA ALA C 324 -1.34 35.16 4.91
C ALA C 324 -2.22 36.36 4.57
N THR C 325 -3.00 36.24 3.50
CA THR C 325 -3.90 37.31 3.10
C THR C 325 -5.31 36.97 3.56
N PRO C 326 -5.85 37.67 4.55
CA PRO C 326 -7.20 37.34 5.03
C PRO C 326 -8.26 37.77 4.02
N GLU C 327 -9.50 37.41 4.33
CA GLU C 327 -10.62 37.81 3.50
C GLU C 327 -10.82 39.32 3.62
N PRO C 328 -10.77 40.07 2.51
CA PRO C 328 -10.90 41.52 2.61
C PRO C 328 -12.25 41.95 3.15
N GLY C 329 -12.27 43.09 3.81
CA GLY C 329 -13.48 43.61 4.43
C GLY C 329 -13.59 43.41 5.91
N GLU C 330 -12.53 42.96 6.58
CA GLU C 330 -12.55 42.72 8.02
C GLU C 330 -11.30 43.33 8.64
N ASP C 331 -11.43 43.69 9.91
CA ASP C 331 -10.32 44.30 10.63
C ASP C 331 -9.21 43.28 10.87
N PRO C 332 -7.95 43.74 10.99
CA PRO C 332 -6.86 42.79 11.23
C PRO C 332 -6.98 42.01 12.54
N ARG C 333 -7.74 42.53 13.52
CA ARG C 333 -7.87 41.83 14.78
C ARG C 333 -8.60 40.50 14.61
N VAL C 334 -9.70 40.49 13.86
CA VAL C 334 -10.40 39.23 13.64
C VAL C 334 -9.56 38.29 12.81
N THR C 335 -8.76 38.81 11.86
CA THR C 335 -7.87 37.96 11.10
C THR C 335 -6.83 37.32 11.99
N ARG C 336 -6.31 38.08 12.96
CA ARG C 336 -5.37 37.52 13.92
C ARG C 336 -6.03 36.40 14.72
N ALA C 337 -7.22 36.67 15.29
CA ALA C 337 -7.91 35.68 16.08
C ALA C 337 -8.33 34.46 15.27
N LYS C 338 -8.46 34.63 13.96
CA LYS C 338 -8.84 33.51 13.10
C LYS C 338 -7.63 32.66 12.74
N TYR C 339 -6.56 33.30 12.27
CA TYR C 339 -5.36 32.55 11.91
C TYR C 339 -4.71 31.92 13.13
N PHE C 340 -5.01 32.41 14.33
CA PHE C 340 -4.46 31.79 15.52
C PHE C 340 -4.89 30.33 15.64
N ILE C 341 -6.16 30.04 15.40
CA ILE C 341 -6.66 28.68 15.51
C ILE C 341 -6.02 27.79 14.45
N ARG C 342 -5.92 28.30 13.22
CA ARG C 342 -5.29 27.52 12.16
C ARG C 342 -3.83 27.23 12.52
N ASP C 343 -3.15 28.18 13.14
CA ASP C 343 -1.79 27.93 13.62
C ASP C 343 -1.78 26.86 14.71
N GLU C 344 -2.75 26.90 15.62
CA GLU C 344 -2.81 25.89 16.68
C GLU C 344 -2.95 24.50 16.09
N PHE C 345 -3.76 24.36 15.04
CA PHE C 345 -3.93 23.05 14.41
C PHE C 345 -2.70 22.66 13.59
N LEU C 346 -2.11 23.63 12.88
CA LEU C 346 -0.98 23.33 12.01
C LEU C 346 0.26 22.96 12.83
N ARG C 347 0.36 23.44 14.07
CA ARG C 347 1.48 23.05 14.90
C ARG C 347 1.57 21.53 15.03
N ILE C 348 0.46 20.89 15.38
CA ILE C 348 0.46 19.43 15.46
C ILE C 348 0.51 18.81 14.06
N SER C 349 -0.24 19.37 13.11
CA SER C 349 -0.29 18.72 11.79
C SER C 349 1.06 18.69 11.11
N THR C 350 2.00 19.56 11.51
CA THR C 350 3.36 19.51 11.00
C THR C 350 4.33 18.86 11.97
N ALA C 351 4.06 18.92 13.29
CA ALA C 351 5.00 18.41 14.26
C ALA C 351 5.12 16.89 14.26
N SER C 352 4.21 16.17 13.60
CA SER C 352 4.32 14.71 13.55
C SER C 352 5.54 14.29 12.75
N GLY C 353 5.70 14.83 11.55
CA GLY C 353 6.87 14.56 10.74
C GLY C 353 6.89 13.22 10.03
N ASP C 354 5.79 12.46 10.06
CA ASP C 354 5.75 11.18 9.36
C ASP C 354 5.94 11.36 7.86
N GLY C 355 5.22 12.32 7.28
CA GLY C 355 5.33 12.61 5.87
C GLY C 355 4.53 11.71 4.96
N ARG C 356 3.78 10.75 5.51
CA ARG C 356 2.96 9.86 4.70
C ARG C 356 1.52 10.34 4.58
N HIS C 357 1.13 11.36 5.33
CA HIS C 357 -0.22 11.90 5.31
C HIS C 357 -0.16 13.35 5.73
N TYR C 358 -1.01 14.18 5.13
CA TYR C 358 -0.98 15.61 5.39
C TYR C 358 -2.37 16.14 5.68
N CYS C 359 -2.41 17.25 6.41
CA CYS C 359 -3.64 17.94 6.74
C CYS C 359 -3.92 19.03 5.70
N TYR C 360 -5.12 19.58 5.76
CA TYR C 360 -5.47 20.67 4.86
C TYR C 360 -6.42 21.63 5.58
N PRO C 361 -5.96 22.78 6.02
CA PRO C 361 -6.84 23.70 6.75
C PRO C 361 -7.67 24.55 5.82
N HIS C 362 -8.90 24.82 6.24
CA HIS C 362 -9.82 25.62 5.45
C HIS C 362 -10.78 26.37 6.35
N PHE C 363 -11.32 27.46 5.84
CA PHE C 363 -12.29 28.27 6.54
C PHE C 363 -13.59 28.28 5.74
N THR C 364 -14.71 28.04 6.43
CA THR C 364 -16.00 27.99 5.76
C THR C 364 -17.09 28.37 6.74
N CYS C 365 -18.21 28.86 6.19
CA CYS C 365 -19.32 29.35 6.99
C CYS C 365 -20.53 28.42 6.99
N SER C 366 -20.38 27.21 6.47
CA SER C 366 -21.38 26.15 6.43
C SER C 366 -22.54 26.42 5.48
N VAL C 367 -22.59 27.60 4.85
CA VAL C 367 -23.61 27.90 3.84
C VAL C 367 -22.92 28.52 2.63
N ASP C 368 -22.55 27.68 1.67
CA ASP C 368 -21.94 28.09 0.41
C ASP C 368 -21.71 26.82 -0.42
N THR C 369 -21.56 27.01 -1.73
CA THR C 369 -21.34 25.90 -2.63
C THR C 369 -19.89 25.44 -2.67
N GLU C 370 -18.96 26.25 -2.17
CA GLU C 370 -17.54 25.95 -2.32
C GLU C 370 -17.03 24.89 -1.35
N ASN C 371 -17.87 24.41 -0.42
CA ASN C 371 -17.45 23.33 0.46
C ASN C 371 -17.18 22.05 -0.33
N ILE C 372 -18.10 21.70 -1.22
CA ILE C 372 -17.93 20.49 -2.03
C ILE C 372 -16.75 20.65 -2.97
N ARG C 373 -16.58 21.84 -3.55
CA ARG C 373 -15.44 22.09 -4.42
C ARG C 373 -14.13 21.97 -3.66
N ARG C 374 -14.08 22.48 -2.43
CA ARG C 374 -12.88 22.35 -1.62
C ARG C 374 -12.59 20.89 -1.31
N VAL C 375 -13.63 20.12 -0.97
CA VAL C 375 -13.43 18.70 -0.70
C VAL C 375 -12.88 18.00 -1.93
N PHE C 376 -13.44 18.30 -3.10
CA PHE C 376 -12.98 17.66 -4.34
C PHE C 376 -11.54 18.05 -4.66
N ASN C 377 -11.20 19.33 -4.50
CA ASN C 377 -9.84 19.76 -4.79
C ASN C 377 -8.83 19.12 -3.86
N ASP C 378 -9.14 19.06 -2.56
CA ASP C 378 -8.21 18.43 -1.63
C ASP C 378 -8.13 16.92 -1.84
N CYS C 379 -9.23 16.27 -2.22
CA CYS C 379 -9.15 14.85 -2.55
C CYS C 379 -8.28 14.61 -3.78
N ARG C 380 -8.42 15.46 -4.80
CA ARG C 380 -7.56 15.35 -5.97
C ARG C 380 -6.10 15.54 -5.60
N ASP C 381 -5.82 16.52 -4.73
CA ASP C 381 -4.45 16.73 -4.29
C ASP C 381 -3.92 15.53 -3.51
N ILE C 382 -4.76 14.93 -2.67
CA ILE C 382 -4.35 13.74 -1.92
C ILE C 382 -4.02 12.61 -2.88
N ILE C 383 -4.86 12.41 -3.90
CA ILE C 383 -4.61 11.36 -4.87
C ILE C 383 -3.31 11.62 -5.63
N GLN C 384 -3.08 12.87 -6.04
CA GLN C 384 -1.86 13.20 -6.77
C GLN C 384 -0.62 12.92 -5.94
N ARG C 385 -0.62 13.36 -4.68
CA ARG C 385 0.54 13.11 -3.83
C ARG C 385 0.71 11.61 -3.54
N MET C 386 -0.39 10.87 -3.40
CA MET C 386 -0.28 9.43 -3.22
C MET C 386 0.35 8.77 -4.43
N HIS C 387 -0.03 9.20 -5.63
CA HIS C 387 0.58 8.65 -6.84
C HIS C 387 2.05 8.99 -6.92
N LEU C 388 2.42 10.23 -6.59
CA LEU C 388 3.84 10.59 -6.58
C LEU C 388 4.62 9.78 -5.54
N ARG C 389 3.95 9.33 -4.48
CA ARG C 389 4.66 8.67 -3.39
C ARG C 389 5.43 7.44 -3.87
N GLN C 390 4.77 6.51 -4.55
CA GLN C 390 5.44 5.26 -4.90
C GLN C 390 6.49 5.43 -5.99
N TYR C 391 6.54 6.59 -6.63
CA TYR C 391 7.60 6.94 -7.57
C TYR C 391 8.81 7.56 -6.89
N GLU C 392 8.79 7.68 -5.56
CA GLU C 392 9.86 8.26 -4.77
C GLU C 392 10.12 9.71 -5.14
N LEU C 393 9.13 10.38 -5.73
CA LEU C 393 9.23 11.80 -6.03
C LEU C 393 8.87 12.67 -4.83
N LEU C 394 8.41 12.07 -3.74
CA LEU C 394 8.02 12.80 -2.54
C LEU C 394 8.30 11.97 -1.29
N GLU D 37 -26.27 6.83 51.27
CA GLU D 37 -26.82 6.69 49.92
C GLU D 37 -25.76 6.16 48.95
N LEU D 38 -25.19 7.07 48.17
CA LEU D 38 -24.15 6.68 47.22
C LEU D 38 -22.90 6.18 47.94
N ASP D 39 -22.51 6.82 49.04
CA ASP D 39 -21.31 6.42 49.75
C ASP D 39 -21.47 5.01 50.32
N GLN D 40 -22.62 4.70 50.90
CA GLN D 40 -22.84 3.37 51.46
C GLN D 40 -22.79 2.30 50.37
N LEU D 41 -23.42 2.57 49.23
CA LEU D 41 -23.41 1.61 48.14
C LEU D 41 -22.00 1.41 47.59
N ARG D 42 -21.24 2.50 47.46
CA ARG D 42 -19.87 2.38 47.00
C ARG D 42 -19.01 1.59 47.96
N GLN D 43 -19.18 1.82 49.27
CA GLN D 43 -18.43 1.05 50.26
C GLN D 43 -18.81 -0.43 50.21
N GLU D 44 -20.10 -0.73 50.05
CA GLU D 44 -20.52 -2.11 49.91
C GLU D 44 -19.91 -2.75 48.68
N ALA D 45 -19.89 -2.03 47.56
CA ALA D 45 -19.33 -2.56 46.32
C ALA D 45 -17.84 -2.83 46.47
N GLU D 46 -17.10 -1.90 47.10
CA GLU D 46 -15.66 -2.12 47.24
C GLU D 46 -15.37 -3.24 48.23
N GLN D 47 -16.18 -3.39 49.29
CA GLN D 47 -15.99 -4.52 50.19
C GLN D 47 -16.26 -5.84 49.49
N LEU D 48 -17.31 -5.89 48.67
CA LEU D 48 -17.57 -7.10 47.88
C LEU D 48 -16.43 -7.40 46.91
N LYS D 49 -15.87 -6.36 46.31
CA LYS D 49 -14.73 -6.54 45.42
C LYS D 49 -13.51 -7.08 46.16
N ASN D 50 -13.27 -6.57 47.38
CA ASN D 50 -12.17 -7.09 48.19
C ASN D 50 -12.39 -8.56 48.51
N GLN D 51 -13.63 -8.92 48.89
CA GLN D 51 -13.92 -10.32 49.18
C GLN D 51 -13.72 -11.20 47.96
N ILE D 52 -14.17 -10.73 46.79
CA ILE D 52 -14.05 -11.51 45.57
C ILE D 52 -12.58 -11.70 45.19
N ARG D 53 -11.78 -10.64 45.29
CA ARG D 53 -10.37 -10.77 44.94
C ARG D 53 -9.63 -11.66 45.93
N ASP D 54 -10.00 -11.60 47.21
CA ASP D 54 -9.39 -12.51 48.19
C ASP D 54 -9.76 -13.95 47.90
N ALA D 55 -11.02 -14.20 47.53
CA ALA D 55 -11.44 -15.56 47.18
C ALA D 55 -10.69 -16.06 45.95
N ARG D 56 -10.51 -15.18 44.96
CA ARG D 56 -9.77 -15.56 43.75
C ARG D 56 -8.31 -15.86 44.08
N LYS D 57 -7.71 -15.08 44.98
CA LYS D 57 -6.36 -15.37 45.42
C LYS D 57 -6.27 -16.68 46.18
N ALA D 58 -7.35 -17.05 46.89
CA ALA D 58 -7.37 -18.32 47.60
C ALA D 58 -7.31 -19.51 46.64
N CYS D 59 -7.96 -19.40 45.49
CA CYS D 59 -7.99 -20.50 44.54
C CYS D 59 -6.63 -20.81 43.94
N ALA D 60 -5.68 -19.89 44.04
CA ALA D 60 -4.36 -20.05 43.42
C ALA D 60 -3.50 -20.98 44.28
N ASP D 61 -2.98 -22.04 43.67
CA ASP D 61 -2.09 -22.98 44.33
C ASP D 61 -0.72 -23.02 43.68
N ALA D 62 -0.66 -23.23 42.36
CA ALA D 62 0.62 -23.29 41.66
C ALA D 62 0.40 -22.89 40.20
N THR D 63 1.46 -22.44 39.55
CA THR D 63 1.38 -22.02 38.16
C THR D 63 1.27 -23.22 37.24
N LEU D 64 0.63 -23.00 36.09
CA LEU D 64 0.44 -24.09 35.13
C LEU D 64 1.76 -24.55 34.53
N SER D 65 2.74 -23.66 34.43
CA SER D 65 4.02 -24.03 33.84
C SER D 65 4.76 -25.08 34.66
N GLN D 66 4.65 -25.00 36.00
CA GLN D 66 5.39 -25.93 36.85
C GLN D 66 4.93 -27.37 36.65
N ILE D 67 3.62 -27.58 36.56
CA ILE D 67 3.08 -28.94 36.46
C ILE D 67 3.13 -29.50 35.05
N THR D 68 3.70 -28.76 34.10
CA THR D 68 3.76 -29.18 32.70
C THR D 68 5.20 -29.52 32.27
N ASN D 69 6.02 -29.99 33.21
CA ASN D 69 7.39 -30.35 32.86
C ASN D 69 7.43 -31.50 31.85
N ASN D 70 6.55 -32.50 32.04
CA ASN D 70 6.51 -33.65 31.14
C ASN D 70 5.99 -33.30 29.75
N ILE D 71 5.41 -32.12 29.57
CA ILE D 71 4.84 -31.74 28.28
C ILE D 71 5.98 -31.34 27.35
N ASP D 72 6.27 -32.18 26.37
CA ASP D 72 7.32 -31.88 25.42
C ASP D 72 6.88 -30.77 24.45
N PRO D 73 7.82 -29.96 23.97
CA PRO D 73 7.46 -28.95 22.97
C PRO D 73 7.05 -29.59 21.66
N VAL D 74 6.13 -28.92 20.96
CA VAL D 74 5.66 -29.44 19.68
C VAL D 74 6.69 -29.24 18.58
N GLY D 75 7.67 -28.38 18.79
CA GLY D 75 8.71 -28.14 17.82
C GLY D 75 8.33 -27.07 16.80
N ARG D 76 9.31 -26.73 15.96
CA ARG D 76 9.09 -25.75 14.90
C ARG D 76 8.10 -26.32 13.89
N ILE D 77 6.92 -25.72 13.82
CA ILE D 77 5.85 -26.21 12.96
C ILE D 77 5.93 -25.42 11.66
N GLN D 78 6.68 -25.95 10.70
CA GLN D 78 6.87 -25.30 9.41
C GLN D 78 5.59 -25.47 8.59
N MET D 79 4.76 -24.41 8.55
CA MET D 79 3.50 -24.42 7.86
C MET D 79 3.61 -23.59 6.59
N ARG D 80 3.07 -24.12 5.49
CA ARG D 80 3.19 -23.48 4.19
C ARG D 80 1.83 -23.39 3.53
N THR D 81 1.65 -22.34 2.73
CA THR D 81 0.37 -22.10 2.07
C THR D 81 0.10 -23.18 1.04
N ARG D 82 -0.99 -23.92 1.22
CA ARG D 82 -1.38 -24.93 0.24
C ARG D 82 -2.19 -24.30 -0.90
N ARG D 83 -3.17 -23.48 -0.55
CA ARG D 83 -3.98 -22.77 -1.53
C ARG D 83 -4.09 -21.30 -1.11
N THR D 84 -4.29 -20.44 -2.09
CA THR D 84 -4.50 -19.02 -1.85
C THR D 84 -5.67 -18.56 -2.72
N LEU D 85 -6.60 -17.86 -2.10
CA LEU D 85 -7.90 -17.56 -2.72
C LEU D 85 -7.95 -16.07 -3.04
N ARG D 86 -7.52 -15.71 -4.24
CA ARG D 86 -7.72 -14.36 -4.74
C ARG D 86 -9.20 -14.11 -5.03
N GLY D 87 -9.60 -12.86 -4.94
CA GLY D 87 -10.96 -12.52 -5.31
C GLY D 87 -11.66 -11.48 -4.45
N HIS D 88 -11.00 -11.00 -3.41
CA HIS D 88 -11.58 -9.97 -2.55
C HIS D 88 -10.94 -8.62 -2.83
N LEU D 89 -11.79 -7.60 -3.00
CA LEU D 89 -11.32 -6.27 -3.35
C LEU D 89 -10.58 -5.64 -2.18
N ALA D 90 -11.27 -5.42 -1.07
CA ALA D 90 -10.74 -4.72 0.09
C ALA D 90 -10.49 -5.72 1.21
N LYS D 91 -10.14 -5.19 2.38
CA LYS D 91 -9.71 -6.04 3.48
C LYS D 91 -10.81 -7.01 3.91
N ILE D 92 -10.40 -8.23 4.23
CA ILE D 92 -11.28 -9.20 4.87
C ILE D 92 -11.23 -8.95 6.38
N TYR D 93 -12.38 -8.62 6.96
CA TYR D 93 -12.38 -8.35 8.39
C TYR D 93 -12.92 -9.52 9.20
N ALA D 94 -13.57 -10.49 8.58
CA ALA D 94 -13.98 -11.70 9.27
C ALA D 94 -14.26 -12.80 8.25
N MET D 95 -14.22 -14.04 8.73
CA MET D 95 -14.55 -15.19 7.90
C MET D 95 -14.95 -16.34 8.81
N HIS D 96 -15.73 -17.26 8.25
CA HIS D 96 -16.20 -18.42 8.98
C HIS D 96 -16.05 -19.67 8.12
N TRP D 97 -15.82 -20.80 8.79
CA TRP D 97 -15.77 -22.09 8.13
C TRP D 97 -17.15 -22.74 8.17
N GLY D 98 -17.41 -23.59 7.19
CA GLY D 98 -18.61 -24.38 7.22
C GLY D 98 -18.49 -25.55 8.16
N THR D 99 -19.62 -26.22 8.38
CA THR D 99 -19.67 -27.36 9.28
C THR D 99 -19.30 -28.67 8.58
N ASP D 100 -18.68 -28.58 7.40
CA ASP D 100 -18.18 -29.77 6.73
C ASP D 100 -16.72 -29.62 6.31
N SER D 101 -16.04 -28.57 6.74
CA SER D 101 -14.63 -28.32 6.44
C SER D 101 -14.38 -28.14 4.95
N ARG D 102 -15.41 -27.78 4.18
CA ARG D 102 -15.29 -27.62 2.75
C ARG D 102 -15.62 -26.21 2.29
N LEU D 103 -16.73 -25.64 2.77
CA LEU D 103 -17.15 -24.31 2.35
C LEU D 103 -16.81 -23.31 3.44
N LEU D 104 -16.26 -22.17 3.03
CA LEU D 104 -15.98 -21.08 3.96
C LEU D 104 -16.48 -19.77 3.38
N VAL D 105 -17.12 -18.98 4.23
CA VAL D 105 -17.63 -17.66 3.88
C VAL D 105 -16.65 -16.62 4.35
N SER D 106 -16.44 -15.57 3.56
CA SER D 106 -15.45 -14.55 3.91
C SER D 106 -16.03 -13.17 3.68
N ALA D 107 -16.27 -12.44 4.77
CA ALA D 107 -16.77 -11.08 4.67
C ALA D 107 -15.66 -10.13 4.23
N SER D 108 -16.02 -9.15 3.42
CA SER D 108 -15.09 -8.10 3.03
C SER D 108 -15.79 -6.76 3.12
N GLN D 109 -15.00 -5.71 3.31
CA GLN D 109 -15.52 -4.36 3.42
C GLN D 109 -15.69 -3.69 2.07
N ASP D 110 -15.65 -4.46 0.99
CA ASP D 110 -15.95 -3.97 -0.35
C ASP D 110 -17.42 -4.11 -0.71
N GLY D 111 -18.22 -4.74 0.15
CA GLY D 111 -19.61 -4.97 -0.14
C GLY D 111 -19.85 -6.30 -0.83
N LYS D 112 -19.21 -7.36 -0.33
CA LYS D 112 -19.36 -8.70 -0.89
C LYS D 112 -19.35 -9.72 0.23
N LEU D 113 -19.82 -10.93 -0.11
CA LEU D 113 -19.80 -12.05 0.83
C LEU D 113 -19.62 -13.30 -0.02
N ILE D 114 -18.41 -13.82 -0.05
CA ILE D 114 -18.02 -14.90 -0.96
C ILE D 114 -18.07 -16.20 -0.19
N ILE D 115 -18.68 -17.22 -0.79
CA ILE D 115 -18.73 -18.57 -0.22
C ILE D 115 -17.78 -19.42 -1.04
N TRP D 116 -16.61 -19.69 -0.49
CA TRP D 116 -15.55 -20.35 -1.24
C TRP D 116 -15.79 -21.85 -1.31
N ASP D 117 -14.78 -22.57 -1.76
CA ASP D 117 -14.72 -24.03 -1.65
C ASP D 117 -13.26 -24.37 -1.43
N SER D 118 -12.90 -24.73 -0.20
CA SER D 118 -11.49 -24.90 0.16
C SER D 118 -10.82 -26.01 -0.63
N TYR D 119 -11.58 -26.97 -1.16
CA TYR D 119 -10.97 -28.08 -1.87
C TYR D 119 -10.47 -27.66 -3.25
N THR D 120 -11.23 -26.82 -3.95
CA THR D 120 -10.91 -26.47 -5.33
C THR D 120 -10.77 -24.97 -5.55
N THR D 121 -10.79 -24.16 -4.50
CA THR D 121 -10.66 -22.71 -4.59
C THR D 121 -11.72 -22.10 -5.50
N ASN D 122 -12.87 -22.74 -5.60
CA ASN D 122 -13.96 -22.27 -6.45
C ASN D 122 -14.90 -21.40 -5.63
N LYS D 123 -15.56 -20.47 -6.33
CA LYS D 123 -16.58 -19.62 -5.72
C LYS D 123 -17.94 -20.15 -6.11
N VAL D 124 -18.74 -20.56 -5.12
CA VAL D 124 -20.06 -21.08 -5.37
C VAL D 124 -21.15 -20.05 -5.12
N HIS D 125 -20.84 -18.94 -4.44
CA HIS D 125 -21.77 -17.84 -4.24
C HIS D 125 -20.96 -16.59 -3.97
N ALA D 126 -21.47 -15.46 -4.46
CA ALA D 126 -20.80 -14.17 -4.31
C ALA D 126 -21.80 -13.11 -3.88
N ILE D 127 -22.55 -13.40 -2.83
CA ILE D 127 -23.75 -12.60 -2.58
C ILE D 127 -23.35 -11.22 -2.07
N PRO D 128 -23.86 -10.15 -2.67
CA PRO D 128 -23.48 -8.80 -2.24
C PRO D 128 -24.28 -8.38 -1.02
N LEU D 129 -23.92 -7.22 -0.48
CA LEU D 129 -24.58 -6.66 0.68
C LEU D 129 -25.05 -5.24 0.39
N ARG D 130 -26.06 -4.83 1.15
CA ARG D 130 -26.60 -3.49 1.08
C ARG D 130 -25.86 -2.49 1.98
N SER D 131 -24.96 -2.96 2.83
CA SER D 131 -24.10 -2.09 3.63
C SER D 131 -22.65 -2.40 3.27
N SER D 132 -21.89 -1.35 2.95
CA SER D 132 -20.51 -1.55 2.55
C SER D 132 -19.67 -2.11 3.68
N TRP D 133 -19.89 -1.64 4.91
CA TRP D 133 -19.07 -2.01 6.05
C TRP D 133 -19.61 -3.29 6.66
N VAL D 134 -18.83 -4.36 6.59
CA VAL D 134 -19.16 -5.64 7.18
C VAL D 134 -18.11 -5.94 8.22
N MET D 135 -18.54 -6.16 9.47
CA MET D 135 -17.61 -6.45 10.55
C MET D 135 -17.68 -7.87 11.05
N THR D 136 -18.65 -8.66 10.61
CA THR D 136 -18.71 -10.05 11.03
C THR D 136 -19.66 -10.82 10.12
N CYS D 137 -19.42 -12.12 10.04
CA CYS D 137 -20.30 -13.05 9.35
C CYS D 137 -20.43 -14.32 10.18
N ALA D 138 -21.26 -15.24 9.70
CA ALA D 138 -21.43 -16.53 10.33
C ALA D 138 -22.04 -17.47 9.32
N TYR D 139 -21.61 -18.73 9.37
CA TYR D 139 -22.13 -19.78 8.51
C TYR D 139 -22.96 -20.71 9.39
N ALA D 140 -24.22 -20.92 9.03
CA ALA D 140 -25.11 -21.66 9.90
C ALA D 140 -24.63 -23.10 10.04
N PRO D 141 -24.82 -23.73 11.20
CA PRO D 141 -24.33 -25.10 11.39
C PRO D 141 -24.94 -26.10 10.40
N SER D 142 -26.19 -25.90 10.01
CA SER D 142 -26.80 -26.77 9.01
C SER D 142 -26.26 -26.52 7.61
N GLY D 143 -25.50 -25.44 7.41
CA GLY D 143 -25.00 -25.12 6.09
C GLY D 143 -26.04 -24.57 5.14
N ASN D 144 -27.14 -24.06 5.68
CA ASN D 144 -28.22 -23.54 4.85
C ASN D 144 -28.41 -22.03 4.97
N TYR D 145 -27.93 -21.41 6.03
CA TYR D 145 -28.10 -19.98 6.25
C TYR D 145 -26.74 -19.32 6.41
N VAL D 146 -26.70 -18.02 6.14
CA VAL D 146 -25.53 -17.19 6.40
C VAL D 146 -26.02 -15.93 7.11
N ALA D 147 -25.12 -15.29 7.85
CA ALA D 147 -25.45 -14.02 8.47
C ALA D 147 -24.35 -13.01 8.16
N CYS D 148 -24.61 -11.76 8.54
CA CYS D 148 -23.63 -10.70 8.42
C CYS D 148 -24.03 -9.57 9.33
N GLY D 149 -23.07 -8.74 9.68
CA GLY D 149 -23.35 -7.62 10.56
C GLY D 149 -22.21 -6.64 10.69
N GLY D 150 -22.50 -5.36 10.60
CA GLY D 150 -21.48 -4.33 10.64
C GLY D 150 -22.04 -3.05 11.23
N LEU D 151 -21.54 -1.92 10.73
CA LEU D 151 -21.93 -0.63 11.27
C LEU D 151 -23.37 -0.25 10.93
N ASP D 152 -24.03 -1.00 10.05
CA ASP D 152 -25.41 -0.69 9.71
C ASP D 152 -26.39 -1.00 10.85
N ASN D 153 -25.93 -1.69 11.90
CA ASN D 153 -26.76 -2.03 13.07
C ASN D 153 -27.91 -2.95 12.71
N ILE D 154 -27.77 -3.71 11.63
CA ILE D 154 -28.78 -4.67 11.20
C ILE D 154 -28.07 -5.97 10.85
N CYS D 155 -28.57 -7.08 11.38
CA CYS D 155 -27.94 -8.38 11.21
C CYS D 155 -28.71 -9.16 10.15
N SER D 156 -28.37 -8.89 8.88
CA SER D 156 -29.07 -9.52 7.77
C SER D 156 -28.86 -11.03 7.80
N ILE D 157 -29.90 -11.78 7.42
CA ILE D 157 -29.83 -13.23 7.35
C ILE D 157 -30.08 -13.62 5.90
N TYR D 158 -29.15 -14.36 5.30
CA TYR D 158 -29.25 -14.79 3.92
C TYR D 158 -29.61 -16.26 3.87
N ASN D 159 -30.61 -16.58 3.06
CA ASN D 159 -31.15 -17.93 2.96
C ASN D 159 -30.55 -18.59 1.72
N LEU D 160 -29.88 -19.72 1.92
CA LEU D 160 -29.28 -20.47 0.83
C LEU D 160 -30.14 -21.65 0.39
N LYS D 161 -31.38 -21.73 0.86
CA LYS D 161 -32.30 -22.76 0.37
C LYS D 161 -32.42 -22.67 -1.14
N THR D 162 -32.68 -21.47 -1.66
CA THR D 162 -32.73 -21.17 -3.09
C THR D 162 -33.70 -22.10 -3.83
N ARG D 163 -34.97 -22.01 -3.44
CA ARG D 163 -36.03 -22.62 -4.23
C ARG D 163 -36.23 -21.91 -5.56
N GLU D 164 -35.67 -20.70 -5.72
CA GLU D 164 -35.76 -19.95 -6.96
C GLU D 164 -34.38 -19.59 -7.51
N GLY D 165 -33.31 -20.10 -6.90
CA GLY D 165 -31.96 -19.82 -7.35
C GLY D 165 -31.32 -18.63 -6.67
N ASN D 166 -31.91 -17.44 -6.85
CA ASN D 166 -31.34 -16.23 -6.27
C ASN D 166 -31.57 -16.21 -4.77
N VAL D 167 -30.52 -15.89 -4.02
CA VAL D 167 -30.61 -15.82 -2.56
C VAL D 167 -31.44 -14.60 -2.17
N ARG D 168 -32.04 -14.67 -0.98
CA ARG D 168 -32.83 -13.59 -0.44
C ARG D 168 -32.38 -13.29 0.98
N VAL D 169 -32.64 -12.08 1.44
CA VAL D 169 -32.45 -11.72 2.84
C VAL D 169 -33.68 -12.23 3.59
N SER D 170 -33.56 -13.36 4.26
CA SER D 170 -34.71 -13.98 4.91
C SER D 170 -35.25 -13.08 6.02
N ARG D 171 -34.38 -12.46 6.80
CA ARG D 171 -34.84 -11.58 7.87
C ARG D 171 -33.73 -10.59 8.20
N GLU D 172 -34.12 -9.34 8.44
CA GLU D 172 -33.22 -8.33 8.98
C GLU D 172 -33.57 -8.10 10.44
N LEU D 173 -32.57 -8.16 11.30
CA LEU D 173 -32.79 -8.19 12.75
C LEU D 173 -32.32 -6.86 13.33
N ALA D 174 -33.26 -6.00 13.69
CA ALA D 174 -32.96 -4.66 14.13
C ALA D 174 -33.41 -4.47 15.58
N GLY D 175 -32.77 -3.53 16.26
CA GLY D 175 -33.03 -3.31 17.67
C GLY D 175 -31.80 -2.88 18.43
N HIS D 176 -30.65 -2.90 17.77
CA HIS D 176 -29.40 -2.45 18.37
C HIS D 176 -29.17 -0.98 18.11
N THR D 177 -28.57 -0.29 19.08
CA THR D 177 -28.26 1.12 18.96
C THR D 177 -26.76 1.40 18.81
N GLY D 178 -25.91 0.41 18.98
CA GLY D 178 -24.49 0.59 18.79
C GLY D 178 -24.07 0.18 17.40
N TYR D 179 -23.42 -0.98 17.28
CA TYR D 179 -23.01 -1.51 16.00
C TYR D 179 -22.63 -2.97 16.19
N LEU D 180 -23.10 -3.82 15.28
CA LEU D 180 -22.86 -5.25 15.40
C LEU D 180 -21.38 -5.57 15.22
N SER D 181 -20.90 -6.54 15.97
CA SER D 181 -19.47 -6.86 15.94
C SER D 181 -19.23 -8.36 15.74
N CYS D 182 -20.14 -9.21 16.22
CA CYS D 182 -19.98 -10.65 16.06
C CYS D 182 -21.31 -11.32 16.29
N CYS D 183 -21.80 -12.05 15.29
CA CYS D 183 -23.05 -12.80 15.38
C CYS D 183 -22.79 -14.25 15.03
N ARG D 184 -23.25 -15.16 15.87
CA ARG D 184 -23.08 -16.59 15.67
C ARG D 184 -24.41 -17.30 15.88
N PHE D 185 -24.61 -18.39 15.15
CA PHE D 185 -25.88 -19.13 15.20
C PHE D 185 -25.82 -20.16 16.32
N LEU D 186 -26.76 -20.06 17.27
CA LEU D 186 -26.96 -21.15 18.21
C LEU D 186 -27.41 -22.41 17.48
N ASP D 187 -28.45 -22.27 16.66
CA ASP D 187 -28.92 -23.33 15.78
C ASP D 187 -29.52 -22.64 14.57
N ASP D 188 -30.32 -23.36 13.78
CA ASP D 188 -30.95 -22.75 12.63
C ASP D 188 -31.94 -21.67 13.01
N ASN D 189 -32.42 -21.64 14.25
CA ASN D 189 -33.47 -20.72 14.64
C ASN D 189 -33.14 -19.98 15.93
N GLN D 190 -31.86 -19.68 16.16
CA GLN D 190 -31.46 -18.79 17.26
C GLN D 190 -30.12 -18.20 16.91
N ILE D 191 -30.06 -16.88 16.77
CA ILE D 191 -28.84 -16.15 16.45
C ILE D 191 -28.57 -15.15 17.56
N VAL D 192 -27.37 -15.18 18.11
CA VAL D 192 -26.93 -14.26 19.15
C VAL D 192 -26.04 -13.21 18.52
N THR D 193 -26.27 -11.95 18.86
CA THR D 193 -25.52 -10.85 18.29
C THR D 193 -24.86 -10.03 19.39
N SER D 194 -23.67 -9.54 19.10
CA SER D 194 -22.95 -8.64 19.99
C SER D 194 -22.93 -7.25 19.39
N SER D 195 -23.22 -6.25 20.20
CA SER D 195 -23.27 -4.88 19.74
C SER D 195 -22.32 -4.00 20.54
N GLY D 196 -22.00 -2.85 19.97
CA GLY D 196 -21.11 -1.91 20.63
C GLY D 196 -21.77 -0.99 21.62
N ASP D 197 -23.07 -1.09 21.83
CA ASP D 197 -23.77 -0.28 22.81
C ASP D 197 -23.91 -0.99 24.16
N THR D 198 -22.98 -1.91 24.46
CA THR D 198 -22.98 -2.68 25.70
C THR D 198 -24.30 -3.45 25.83
N THR D 199 -24.46 -4.39 24.91
CA THR D 199 -25.68 -5.21 24.86
C THR D 199 -25.49 -6.42 23.96
N CYS D 200 -25.76 -7.61 24.49
CA CYS D 200 -25.81 -8.83 23.69
C CYS D 200 -27.25 -9.32 23.65
N ALA D 201 -27.76 -9.53 22.45
CA ALA D 201 -29.14 -9.97 22.26
C ALA D 201 -29.16 -11.49 22.12
N LEU D 202 -30.35 -12.04 21.86
CA LEU D 202 -30.46 -13.44 21.42
C LEU D 202 -31.75 -13.54 20.63
N TRP D 203 -31.64 -13.50 19.31
CA TRP D 203 -32.78 -13.27 18.43
C TRP D 203 -33.55 -14.56 18.22
N ASP D 204 -34.56 -14.51 17.35
CA ASP D 204 -35.34 -15.68 16.95
C ASP D 204 -35.74 -15.45 15.49
N ILE D 205 -35.05 -16.12 14.58
CA ILE D 205 -35.23 -15.87 13.16
C ILE D 205 -36.64 -16.18 12.69
N GLU D 206 -37.37 -17.01 13.41
CA GLU D 206 -38.76 -17.29 13.03
C GLU D 206 -39.64 -16.05 13.21
N THR D 207 -39.41 -15.27 14.27
CA THR D 207 -40.24 -14.12 14.58
C THR D 207 -39.49 -12.79 14.62
N GLY D 208 -38.16 -12.80 14.69
CA GLY D 208 -37.39 -11.56 14.68
C GLY D 208 -37.58 -10.66 15.87
N GLN D 209 -37.57 -11.22 17.08
CA GLN D 209 -37.69 -10.43 18.30
C GLN D 209 -36.78 -11.00 19.38
N GLN D 210 -36.12 -10.13 20.13
CA GLN D 210 -35.21 -10.54 21.17
C GLN D 210 -35.90 -11.40 22.22
N THR D 211 -35.50 -12.67 22.32
CA THR D 211 -35.98 -13.52 23.40
C THR D 211 -35.49 -13.01 24.75
N THR D 212 -34.22 -12.61 24.82
CA THR D 212 -33.62 -12.11 26.04
C THR D 212 -32.44 -11.22 25.68
N THR D 213 -32.14 -10.28 26.55
CA THR D 213 -31.08 -9.30 26.32
C THR D 213 -30.09 -9.33 27.48
N PHE D 214 -28.81 -9.37 27.16
CA PHE D 214 -27.75 -9.52 28.16
C PHE D 214 -27.05 -8.18 28.34
N THR D 215 -27.24 -7.58 29.51
CA THR D 215 -26.60 -6.33 29.87
C THR D 215 -25.74 -6.52 31.11
N GLY D 216 -24.75 -5.65 31.26
CA GLY D 216 -23.86 -5.74 32.40
C GLY D 216 -22.42 -5.41 32.09
N HIS D 217 -22.13 -5.14 30.82
CA HIS D 217 -20.79 -4.74 30.41
C HIS D 217 -20.61 -3.25 30.68
N THR D 218 -19.49 -2.70 30.25
CA THR D 218 -19.24 -1.27 30.39
C THR D 218 -18.85 -0.61 29.08
N GLY D 219 -18.08 -1.29 28.24
CA GLY D 219 -17.61 -0.71 27.00
C GLY D 219 -18.22 -1.32 25.76
N ASP D 220 -17.38 -1.82 24.86
CA ASP D 220 -17.80 -2.35 23.58
C ASP D 220 -17.60 -3.85 23.56
N VAL D 221 -18.70 -4.60 23.46
CA VAL D 221 -18.60 -6.03 23.20
C VAL D 221 -18.17 -6.22 21.75
N MET D 222 -17.12 -7.00 21.52
CA MET D 222 -16.64 -7.16 20.16
C MET D 222 -16.25 -8.57 19.77
N SER D 223 -16.44 -9.57 20.62
CA SER D 223 -16.17 -10.95 20.22
C SER D 223 -16.82 -11.90 21.20
N LEU D 224 -17.59 -12.86 20.68
CA LEU D 224 -18.19 -13.90 21.49
C LEU D 224 -18.12 -15.20 20.71
N SER D 225 -17.90 -16.29 21.41
CA SER D 225 -17.85 -17.61 20.79
C SER D 225 -18.76 -18.56 21.56
N LEU D 226 -19.59 -19.29 20.83
CA LEU D 226 -20.50 -20.23 21.46
C LEU D 226 -19.76 -21.45 21.96
N ALA D 227 -20.38 -22.14 22.90
CA ALA D 227 -19.79 -23.33 23.47
C ALA D 227 -19.91 -24.50 22.50
N PRO D 228 -19.06 -25.52 22.66
CA PRO D 228 -19.23 -26.73 21.84
C PRO D 228 -20.58 -27.38 22.00
N ASP D 229 -21.17 -27.33 23.19
CA ASP D 229 -22.52 -27.82 23.41
C ASP D 229 -23.58 -26.73 23.17
N THR D 230 -23.16 -25.53 22.76
CA THR D 230 -24.07 -24.43 22.42
C THR D 230 -25.03 -24.11 23.57
N ARG D 231 -24.52 -24.13 24.79
CA ARG D 231 -25.31 -23.80 25.96
C ARG D 231 -24.99 -22.41 26.52
N LEU D 232 -23.72 -22.07 26.63
CA LEU D 232 -23.29 -20.76 27.12
C LEU D 232 -22.35 -20.13 26.11
N PHE D 233 -22.19 -18.82 26.21
CA PHE D 233 -21.25 -18.13 25.34
C PHE D 233 -20.58 -16.98 26.10
N VAL D 234 -19.26 -16.88 25.97
CA VAL D 234 -18.49 -15.83 26.62
C VAL D 234 -18.67 -14.53 25.86
N SER D 235 -18.25 -13.42 26.46
CA SER D 235 -18.42 -12.11 25.83
C SER D 235 -17.35 -11.18 26.39
N GLY D 236 -16.32 -10.93 25.59
CA GLY D 236 -15.31 -9.95 25.96
C GLY D 236 -15.71 -8.55 25.52
N ALA D 237 -15.39 -7.58 26.37
CA ALA D 237 -15.75 -6.19 26.12
C ALA D 237 -14.51 -5.32 26.20
N CYS D 238 -14.58 -4.16 25.54
CA CYS D 238 -13.43 -3.27 25.45
C CYS D 238 -12.98 -2.71 26.79
N ASP D 239 -13.70 -2.97 27.88
CA ASP D 239 -13.27 -2.60 29.21
C ASP D 239 -12.35 -3.61 29.90
N ALA D 240 -11.81 -4.57 29.14
CA ALA D 240 -10.89 -5.59 29.65
C ALA D 240 -11.58 -6.50 30.67
N SER D 241 -12.71 -7.07 30.26
CA SER D 241 -13.47 -7.93 31.15
C SER D 241 -14.29 -8.92 30.33
N ALA D 242 -14.24 -10.19 30.72
CA ALA D 242 -15.06 -11.23 30.12
C ALA D 242 -16.16 -11.61 31.09
N LYS D 243 -17.29 -12.06 30.55
CA LYS D 243 -18.45 -12.42 31.37
C LYS D 243 -19.15 -13.60 30.71
N LEU D 244 -19.01 -14.79 31.30
CA LEU D 244 -19.78 -15.92 30.85
C LEU D 244 -21.27 -15.61 30.96
N TRP D 245 -22.01 -15.97 29.93
CA TRP D 245 -23.46 -15.75 29.89
C TRP D 245 -24.18 -17.09 29.91
N ASP D 246 -25.49 -17.03 29.76
CA ASP D 246 -26.30 -18.23 29.58
C ASP D 246 -27.51 -17.87 28.74
N VAL D 247 -27.97 -18.84 27.96
CA VAL D 247 -29.05 -18.60 27.00
C VAL D 247 -30.41 -19.03 27.53
N ARG D 248 -30.47 -19.71 28.66
CA ARG D 248 -31.74 -20.16 29.23
C ARG D 248 -32.33 -19.09 30.15
N GLU D 249 -31.60 -18.71 31.20
CA GLU D 249 -32.09 -17.68 32.11
C GLU D 249 -31.82 -16.28 31.56
N GLY D 250 -30.55 -15.96 31.35
CA GLY D 250 -30.19 -14.65 30.82
C GLY D 250 -29.46 -13.77 31.83
N MET D 251 -28.71 -14.39 32.72
CA MET D 251 -27.97 -13.69 33.76
C MET D 251 -26.52 -14.14 33.73
N CYS D 252 -25.60 -13.18 33.91
CA CYS D 252 -24.18 -13.51 33.95
C CYS D 252 -23.89 -14.46 35.09
N ARG D 253 -22.97 -15.39 34.85
CA ARG D 253 -22.66 -16.43 35.84
C ARG D 253 -21.29 -16.22 36.48
N GLN D 254 -20.22 -16.17 35.69
CA GLN D 254 -18.91 -15.76 36.17
C GLN D 254 -18.45 -14.54 35.39
N THR D 255 -17.49 -13.81 35.98
CA THR D 255 -16.85 -12.68 35.34
C THR D 255 -15.35 -12.80 35.53
N PHE D 256 -14.60 -12.17 34.62
CA PHE D 256 -13.15 -12.23 34.64
C PHE D 256 -12.59 -10.86 34.32
N THR D 257 -11.56 -10.45 35.07
CA THR D 257 -10.86 -9.18 34.84
C THR D 257 -9.37 -9.44 35.00
N GLY D 258 -8.71 -9.77 33.90
CA GLY D 258 -7.28 -10.01 33.94
C GLY D 258 -6.50 -9.12 33.01
N HIS D 259 -7.15 -8.63 31.95
CA HIS D 259 -6.45 -7.84 30.95
C HIS D 259 -6.37 -6.38 31.38
N GLU D 260 -5.32 -5.71 30.90
CA GLU D 260 -5.06 -4.32 31.24
C GLU D 260 -5.48 -3.34 30.16
N SER D 261 -6.13 -3.83 29.10
CA SER D 261 -6.61 -2.96 28.03
C SER D 261 -7.73 -3.67 27.30
N ASP D 262 -8.32 -2.98 26.34
CA ASP D 262 -9.49 -3.48 25.62
C ASP D 262 -9.23 -4.84 24.97
N ILE D 263 -10.17 -5.77 25.17
CA ILE D 263 -10.05 -7.12 24.64
C ILE D 263 -10.36 -7.10 23.15
N ASN D 264 -9.76 -8.03 22.41
CA ASN D 264 -9.90 -8.09 20.96
C ASN D 264 -10.53 -9.37 20.45
N ALA D 265 -10.08 -10.53 20.92
CA ALA D 265 -10.61 -11.78 20.39
C ALA D 265 -10.68 -12.83 21.48
N ILE D 266 -11.50 -13.85 21.24
CA ILE D 266 -11.84 -14.84 22.25
C ILE D 266 -12.47 -16.04 21.55
N CYS D 267 -12.32 -17.21 22.15
CA CYS D 267 -12.84 -18.45 21.57
C CYS D 267 -13.17 -19.39 22.72
N PHE D 268 -13.33 -20.68 22.43
CA PHE D 268 -13.32 -21.75 23.44
C PHE D 268 -12.28 -22.81 23.13
N PHE D 269 -11.82 -23.46 24.19
CA PHE D 269 -11.14 -24.72 24.12
C PHE D 269 -12.06 -25.75 23.47
N PRO D 270 -11.50 -26.73 22.76
CA PRO D 270 -12.35 -27.77 22.14
C PRO D 270 -13.21 -28.51 23.15
N ASN D 271 -12.76 -28.65 24.40
CA ASN D 271 -13.59 -29.27 25.42
C ASN D 271 -14.72 -28.36 25.87
N GLY D 272 -14.57 -27.05 25.69
CA GLY D 272 -15.57 -26.09 26.12
C GLY D 272 -15.42 -25.61 27.56
N ASN D 273 -14.41 -26.07 28.29
CA ASN D 273 -14.20 -25.69 29.68
C ASN D 273 -13.05 -24.71 29.85
N ALA D 274 -12.60 -24.07 28.78
CA ALA D 274 -11.56 -23.07 28.86
C ALA D 274 -11.66 -22.16 27.65
N PHE D 275 -11.07 -20.98 27.76
CA PHE D 275 -11.09 -20.05 26.65
C PHE D 275 -9.94 -19.07 26.78
N ALA D 276 -9.32 -18.75 25.64
CA ALA D 276 -8.18 -17.85 25.62
C ALA D 276 -8.60 -16.51 25.02
N THR D 277 -8.25 -15.44 25.72
CA THR D 277 -8.52 -14.10 25.25
C THR D 277 -7.23 -13.46 24.75
N GLY D 278 -7.40 -12.55 23.80
CA GLY D 278 -6.30 -11.74 23.34
C GLY D 278 -6.73 -10.29 23.24
N SER D 279 -5.98 -9.40 23.88
CA SER D 279 -6.32 -7.98 23.96
C SER D 279 -5.20 -7.14 23.36
N ASP D 280 -5.50 -5.85 23.18
CA ASP D 280 -4.59 -4.90 22.54
C ASP D 280 -3.40 -4.51 23.41
N ASP D 281 -3.26 -5.09 24.59
CA ASP D 281 -2.11 -4.83 25.45
C ASP D 281 -0.91 -5.70 25.12
N ALA D 282 -0.87 -6.28 23.93
CA ALA D 282 0.21 -7.15 23.48
C ALA D 282 0.37 -8.38 24.36
N THR D 283 -0.73 -8.92 24.87
CA THR D 283 -0.70 -10.13 25.68
C THR D 283 -1.80 -11.09 25.22
N CYS D 284 -1.57 -12.36 25.50
CA CYS D 284 -2.58 -13.41 25.37
C CYS D 284 -2.74 -14.06 26.74
N ARG D 285 -3.96 -14.48 27.05
CA ARG D 285 -4.22 -15.07 28.36
C ARG D 285 -5.22 -16.20 28.20
N LEU D 286 -5.23 -17.09 29.19
CA LEU D 286 -6.11 -18.24 29.20
C LEU D 286 -6.93 -18.23 30.47
N PHE D 287 -8.15 -18.76 30.38
CA PHE D 287 -9.08 -18.74 31.50
C PHE D 287 -9.61 -20.15 31.77
N ASP D 288 -10.37 -20.27 32.84
CA ASP D 288 -11.18 -21.45 33.08
C ASP D 288 -12.51 -20.98 33.66
N LEU D 289 -13.57 -21.73 33.34
CA LEU D 289 -14.90 -21.31 33.72
C LEU D 289 -15.22 -21.64 35.17
N ARG D 290 -14.41 -22.49 35.81
CA ARG D 290 -14.60 -22.88 37.20
C ARG D 290 -13.43 -22.48 38.11
N ALA D 291 -12.22 -22.36 37.57
CA ALA D 291 -11.10 -21.93 38.40
C ALA D 291 -11.14 -20.44 38.67
N ASP D 292 -11.62 -19.65 37.70
CA ASP D 292 -11.76 -18.20 37.82
C ASP D 292 -10.41 -17.57 38.20
N GLN D 293 -9.42 -17.82 37.36
CA GLN D 293 -8.08 -17.28 37.54
C GLN D 293 -7.33 -17.42 36.24
N GLU D 294 -6.27 -16.62 36.10
CA GLU D 294 -5.48 -16.59 34.87
C GLU D 294 -4.59 -17.82 34.91
N LEU D 295 -5.06 -18.92 34.30
CA LEU D 295 -4.36 -20.19 34.46
C LEU D 295 -2.94 -20.12 33.91
N MET D 296 -2.77 -19.54 32.73
CA MET D 296 -1.44 -19.49 32.13
C MET D 296 -1.44 -18.45 31.02
N THR D 297 -0.58 -17.44 31.15
CA THR D 297 -0.52 -16.33 30.22
C THR D 297 0.67 -16.48 29.26
N TYR D 298 0.53 -15.87 28.08
CA TYR D 298 1.51 -15.98 27.01
C TYR D 298 1.98 -14.58 26.65
N SER D 299 3.30 -14.39 26.58
CA SER D 299 3.86 -13.10 26.19
C SER D 299 5.34 -13.29 25.90
N HIS D 300 5.92 -12.28 25.26
CA HIS D 300 7.35 -12.21 25.02
C HIS D 300 7.77 -10.76 24.91
N ASP D 301 9.07 -10.52 25.09
CA ASP D 301 9.58 -9.16 25.14
C ASP D 301 9.41 -8.44 23.80
N ASN D 302 9.70 -9.10 22.68
CA ASN D 302 9.75 -8.43 21.40
C ASN D 302 8.37 -8.04 20.87
N ILE D 303 7.30 -8.57 21.44
CA ILE D 303 5.96 -8.12 21.05
C ILE D 303 5.63 -6.84 21.78
N ILE D 304 5.31 -5.78 21.03
CA ILE D 304 4.91 -4.51 21.60
C ILE D 304 3.61 -4.06 20.94
N CYS D 305 2.95 -4.99 20.26
CA CYS D 305 1.72 -4.70 19.54
C CYS D 305 0.65 -5.72 19.91
N GLY D 306 -0.60 -5.29 19.83
CA GLY D 306 -1.71 -6.11 20.27
C GLY D 306 -1.97 -7.28 19.36
N ILE D 307 -3.00 -8.04 19.72
CA ILE D 307 -3.42 -9.24 19.00
C ILE D 307 -4.81 -9.02 18.45
N THR D 308 -5.07 -9.50 17.24
CA THR D 308 -6.30 -9.18 16.52
C THR D 308 -7.30 -10.32 16.51
N SER D 309 -6.86 -11.56 16.34
CA SER D 309 -7.81 -12.69 16.33
C SER D 309 -7.18 -13.89 17.00
N VAL D 310 -8.03 -14.81 17.48
CA VAL D 310 -7.57 -15.99 18.21
C VAL D 310 -8.39 -17.19 17.79
N SER D 311 -7.76 -18.36 17.80
CA SER D 311 -8.45 -19.63 17.61
C SER D 311 -7.60 -20.76 18.17
N PHE D 312 -8.26 -21.82 18.62
CA PHE D 312 -7.59 -23.07 18.97
C PHE D 312 -7.69 -24.09 17.86
N SER D 313 -7.02 -25.20 18.08
CA SER D 313 -7.18 -26.44 17.32
C SER D 313 -7.96 -27.44 18.15
N LYS D 314 -8.18 -28.62 17.58
CA LYS D 314 -9.06 -29.60 18.22
C LYS D 314 -8.36 -30.43 19.29
N SER D 315 -7.03 -30.48 19.27
CA SER D 315 -6.33 -31.14 20.38
C SER D 315 -6.09 -30.20 21.55
N GLY D 316 -6.49 -28.93 21.43
CA GLY D 316 -6.21 -27.98 22.48
C GLY D 316 -4.73 -27.72 22.69
N ARG D 317 -3.91 -27.99 21.69
CA ARG D 317 -2.47 -27.80 21.80
C ARG D 317 -1.95 -26.65 20.95
N LEU D 318 -2.68 -26.21 19.94
CA LEU D 318 -2.23 -25.13 19.07
C LEU D 318 -3.17 -23.94 19.17
N LEU D 319 -2.81 -22.97 20.02
CA LEU D 319 -3.43 -21.65 19.99
C LEU D 319 -2.91 -20.89 18.79
N LEU D 320 -3.66 -20.89 17.70
CA LEU D 320 -3.32 -20.00 16.60
C LEU D 320 -3.81 -18.60 16.95
N ALA D 321 -3.00 -17.60 16.63
CA ALA D 321 -3.24 -16.24 17.12
C ALA D 321 -2.78 -15.26 16.05
N GLY D 322 -3.74 -14.57 15.44
CA GLY D 322 -3.41 -13.58 14.45
C GLY D 322 -3.09 -12.24 15.06
N TYR D 323 -1.82 -11.84 14.98
CA TYR D 323 -1.31 -10.58 15.51
C TYR D 323 -1.41 -9.48 14.46
N ASP D 324 -1.26 -8.24 14.92
CA ASP D 324 -1.23 -7.11 14.00
C ASP D 324 0.18 -6.76 13.55
N ASP D 325 1.19 -7.52 13.97
CA ASP D 325 2.54 -7.34 13.45
C ASP D 325 2.70 -8.08 12.14
N PHE D 326 1.74 -7.89 11.24
CA PHE D 326 1.77 -8.32 9.85
C PHE D 326 1.96 -9.83 9.68
N ASN D 327 1.75 -10.62 10.72
CA ASN D 327 1.86 -12.07 10.59
C ASN D 327 1.05 -12.74 11.69
N CYS D 328 0.53 -13.93 11.38
CA CYS D 328 -0.15 -14.74 12.36
C CYS D 328 0.90 -15.38 13.27
N ASN D 329 0.48 -16.27 14.16
CA ASN D 329 1.40 -16.91 15.08
C ASN D 329 0.74 -18.15 15.65
N VAL D 330 1.53 -18.98 16.33
CA VAL D 330 1.03 -20.15 17.02
C VAL D 330 1.71 -20.25 18.38
N TRP D 331 0.94 -20.63 19.39
CA TRP D 331 1.45 -20.93 20.73
C TRP D 331 0.92 -22.27 21.18
N ASP D 332 1.47 -22.74 22.30
CA ASP D 332 1.06 -23.99 22.90
C ASP D 332 0.32 -23.70 24.20
N ALA D 333 -0.83 -24.36 24.38
CA ALA D 333 -1.63 -24.16 25.58
C ALA D 333 -0.92 -24.62 26.84
N LEU D 334 0.13 -25.44 26.72
CA LEU D 334 0.82 -26.00 27.87
C LEU D 334 2.29 -25.61 27.97
N LYS D 335 2.82 -24.86 27.01
CA LYS D 335 4.22 -24.50 27.00
C LYS D 335 4.47 -23.00 27.04
N ALA D 336 3.61 -22.20 26.41
CA ALA D 336 3.80 -20.75 26.28
C ALA D 336 5.16 -20.45 25.65
N ASP D 337 5.36 -20.99 24.45
CA ASP D 337 6.61 -20.79 23.76
C ASP D 337 6.36 -20.86 22.25
N ARG D 338 7.31 -20.32 21.50
CA ARG D 338 7.13 -20.16 20.06
C ARG D 338 7.07 -21.52 19.38
N ALA D 339 6.23 -21.62 18.35
CA ALA D 339 6.11 -22.87 17.61
C ALA D 339 5.92 -22.67 16.11
N GLY D 340 6.00 -21.45 15.61
CA GLY D 340 5.78 -21.23 14.20
C GLY D 340 5.28 -19.83 13.85
N VAL D 341 5.53 -19.41 12.63
CA VAL D 341 5.14 -18.10 12.15
C VAL D 341 4.46 -18.27 10.80
N LEU D 342 3.24 -17.75 10.68
CA LEU D 342 2.50 -17.82 9.44
C LEU D 342 2.65 -16.53 8.63
N ALA D 343 3.89 -16.10 8.42
CA ALA D 343 4.16 -14.79 7.81
C ALA D 343 4.01 -14.90 6.31
N GLY D 344 2.88 -14.45 5.79
CA GLY D 344 2.68 -14.39 4.36
C GLY D 344 1.89 -13.17 3.95
N HIS D 345 1.53 -12.33 4.92
CA HIS D 345 0.62 -11.23 4.70
C HIS D 345 1.37 -9.89 4.63
N ASP D 346 0.64 -8.86 4.25
CA ASP D 346 1.20 -7.53 4.06
C ASP D 346 0.53 -6.47 4.92
N ASN D 347 -0.41 -6.86 5.77
CA ASN D 347 -1.09 -5.96 6.70
C ASN D 347 -1.43 -6.78 7.94
N ARG D 348 -2.32 -6.25 8.77
CA ARG D 348 -2.79 -7.04 9.90
C ARG D 348 -3.52 -8.28 9.41
N VAL D 349 -3.79 -9.18 10.34
CA VAL D 349 -4.65 -10.33 10.09
C VAL D 349 -5.83 -10.21 11.05
N SER D 350 -7.02 -10.05 10.48
CA SER D 350 -8.23 -9.80 11.26
C SER D 350 -9.08 -11.04 11.47
N CYS D 351 -8.69 -12.18 10.89
CA CYS D 351 -9.51 -13.38 10.94
C CYS D 351 -8.62 -14.59 10.77
N LEU D 352 -8.86 -15.61 11.59
CA LEU D 352 -8.03 -16.80 11.61
C LEU D 352 -8.88 -17.94 12.17
N GLY D 353 -9.39 -18.79 11.29
CA GLY D 353 -10.26 -19.85 11.73
C GLY D 353 -9.82 -21.25 11.35
N VAL D 354 -9.42 -22.04 12.34
CA VAL D 354 -9.13 -23.44 12.08
C VAL D 354 -10.41 -24.16 11.72
N THR D 355 -10.30 -25.19 10.88
CA THR D 355 -11.44 -25.92 10.38
C THR D 355 -11.93 -26.94 11.39
N ASP D 356 -13.18 -27.36 11.25
CA ASP D 356 -13.77 -28.29 12.20
C ASP D 356 -13.06 -29.64 12.20
N ASP D 357 -12.71 -30.14 11.02
CA ASP D 357 -12.01 -31.42 10.93
C ASP D 357 -10.57 -31.36 11.43
N GLY D 358 -10.02 -30.16 11.58
CA GLY D 358 -8.63 -30.00 11.94
C GLY D 358 -7.66 -30.14 10.78
N MET D 359 -8.16 -30.33 9.57
CA MET D 359 -7.27 -30.61 8.44
C MET D 359 -6.52 -29.37 7.99
N ALA D 360 -7.20 -28.23 7.90
CA ALA D 360 -6.62 -27.02 7.32
C ALA D 360 -6.77 -25.86 8.28
N VAL D 361 -6.11 -24.76 7.94
CA VAL D 361 -6.16 -23.53 8.73
C VAL D 361 -6.27 -22.33 7.80
N ALA D 362 -7.46 -21.79 7.67
CA ALA D 362 -7.61 -20.60 6.85
C ALA D 362 -7.01 -19.40 7.56
N THR D 363 -6.84 -18.33 6.80
CA THR D 363 -6.44 -17.05 7.38
C THR D 363 -6.72 -15.95 6.37
N GLY D 364 -6.92 -14.74 6.88
CA GLY D 364 -7.25 -13.64 6.00
C GLY D 364 -6.79 -12.32 6.56
N SER D 365 -6.06 -11.56 5.76
CA SER D 365 -5.44 -10.33 6.23
C SER D 365 -6.17 -9.12 5.67
N TRP D 366 -5.71 -7.94 6.08
CA TRP D 366 -6.19 -6.70 5.50
C TRP D 366 -5.61 -6.45 4.12
N ASP D 367 -4.73 -7.33 3.64
CA ASP D 367 -4.20 -7.28 2.29
C ASP D 367 -5.18 -7.80 1.26
N SER D 368 -6.44 -8.01 1.64
CA SER D 368 -7.51 -8.48 0.76
C SER D 368 -7.24 -9.87 0.20
N PHE D 369 -6.32 -10.61 0.80
CA PHE D 369 -5.97 -11.94 0.35
C PHE D 369 -6.23 -12.96 1.44
N LEU D 370 -6.64 -14.15 1.03
CA LEU D 370 -6.98 -15.23 1.95
C LEU D 370 -6.10 -16.43 1.63
N LYS D 371 -5.63 -17.11 2.67
CA LYS D 371 -4.70 -18.21 2.52
C LYS D 371 -5.24 -19.43 3.25
N ILE D 372 -4.76 -20.61 2.85
CA ILE D 372 -5.06 -21.85 3.55
C ILE D 372 -3.74 -22.52 3.88
N TRP D 373 -3.57 -22.93 5.12
CA TRP D 373 -2.37 -23.60 5.57
C TRP D 373 -2.68 -25.06 5.90
N ASN D 374 -1.67 -25.91 5.74
CA ASN D 374 -1.75 -27.29 6.21
C ASN D 374 -0.33 -27.77 6.43
N GLY D 375 0.04 -27.99 7.69
CA GLY D 375 1.38 -28.40 8.02
C GLY D 375 1.82 -29.67 7.32
N SER D 376 2.97 -29.62 6.67
CA SER D 376 3.48 -30.76 5.92
C SER D 376 5.01 -30.75 5.89
N SER E 8 -28.37 6.63 38.86
CA SER E 8 -27.53 6.93 40.00
C SER E 8 -27.64 5.82 41.05
N ILE E 9 -28.71 5.87 41.85
CA ILE E 9 -28.92 4.85 42.88
C ILE E 9 -29.22 3.50 42.24
N ALA E 10 -29.99 3.49 41.14
CA ALA E 10 -30.31 2.24 40.49
C ALA E 10 -29.07 1.56 39.92
N GLN E 11 -28.17 2.34 39.33
CA GLN E 11 -26.93 1.77 38.79
C GLN E 11 -26.07 1.16 39.90
N ALA E 12 -25.95 1.86 41.03
CA ALA E 12 -25.18 1.33 42.14
C ALA E 12 -25.83 0.07 42.71
N ARG E 13 -27.17 0.05 42.80
CA ARG E 13 -27.85 -1.14 43.26
C ARG E 13 -27.62 -2.32 42.33
N LYS E 14 -27.67 -2.07 41.02
CA LYS E 14 -27.41 -3.14 40.05
C LYS E 14 -25.99 -3.65 40.17
N LEU E 15 -25.02 -2.75 40.33
CA LEU E 15 -23.63 -3.18 40.50
C LEU E 15 -23.46 -4.00 41.77
N VAL E 16 -24.09 -3.57 42.86
CA VAL E 16 -23.97 -4.29 44.13
C VAL E 16 -24.57 -5.68 44.01
N GLU E 17 -25.77 -5.78 43.41
CA GLU E 17 -26.40 -7.09 43.30
C GLU E 17 -25.64 -8.00 42.34
N GLN E 18 -25.05 -7.44 41.27
CA GLN E 18 -24.22 -8.24 40.38
C GLN E 18 -22.99 -8.77 41.09
N LEU E 19 -22.33 -7.92 41.89
CA LEU E 19 -21.15 -8.35 42.62
C LEU E 19 -21.49 -9.30 43.76
N LYS E 20 -22.74 -9.30 44.23
CA LYS E 20 -23.12 -10.14 45.37
C LYS E 20 -22.92 -11.63 45.05
N MET E 21 -23.47 -12.09 43.93
CA MET E 21 -23.36 -13.51 43.60
C MET E 21 -21.97 -13.91 43.12
N GLU E 22 -21.14 -12.95 42.72
CA GLU E 22 -19.81 -13.30 42.22
C GLU E 22 -18.90 -13.78 43.35
N ALA E 23 -19.18 -13.39 44.59
CA ALA E 23 -18.40 -13.88 45.71
C ALA E 23 -18.77 -15.31 46.09
N ASN E 24 -20.01 -15.72 45.84
CA ASN E 24 -20.49 -17.06 46.19
C ASN E 24 -20.39 -17.95 44.96
N ILE E 25 -19.20 -18.49 44.75
CA ILE E 25 -18.93 -19.40 43.64
C ILE E 25 -18.15 -20.59 44.15
N ASP E 26 -18.14 -21.67 43.36
CA ASP E 26 -17.39 -22.86 43.73
C ASP E 26 -15.88 -22.58 43.70
N ARG E 27 -15.18 -23.09 44.70
CA ARG E 27 -13.75 -22.92 44.83
C ARG E 27 -13.07 -24.25 44.53
N ILE E 28 -12.20 -24.27 43.51
CA ILE E 28 -11.45 -25.45 43.12
C ILE E 28 -9.99 -25.06 42.98
N LYS E 29 -9.09 -25.94 43.42
CA LYS E 29 -7.67 -25.68 43.30
C LYS E 29 -7.27 -25.58 41.84
N VAL E 30 -6.27 -24.72 41.57
CA VAL E 30 -5.84 -24.49 40.20
C VAL E 30 -5.28 -25.76 39.58
N SER E 31 -4.60 -26.58 40.39
CA SER E 31 -4.09 -27.85 39.87
C SER E 31 -5.22 -28.78 39.48
N LYS E 32 -6.27 -28.84 40.31
CA LYS E 32 -7.39 -29.73 40.02
C LYS E 32 -8.09 -29.34 38.71
N ALA E 33 -8.31 -28.04 38.50
CA ALA E 33 -8.96 -27.60 37.27
C ALA E 33 -8.02 -27.73 36.07
N ALA E 34 -6.72 -27.49 36.28
CA ALA E 34 -5.75 -27.56 35.20
C ALA E 34 -5.45 -28.98 34.77
N ALA E 35 -5.69 -29.98 35.64
CA ALA E 35 -5.39 -31.36 35.30
C ALA E 35 -6.18 -31.85 34.09
N ASP E 36 -7.27 -31.17 33.73
CA ASP E 36 -8.06 -31.56 32.58
C ASP E 36 -7.58 -30.93 31.28
N LEU E 37 -6.90 -29.78 31.35
CA LEU E 37 -6.48 -29.08 30.14
C LEU E 37 -5.50 -29.92 29.34
N MET E 38 -4.47 -30.46 30.00
CA MET E 38 -3.55 -31.35 29.28
C MET E 38 -4.11 -32.75 29.13
N ALA E 39 -5.07 -33.14 29.96
CA ALA E 39 -5.74 -34.42 29.76
C ALA E 39 -6.47 -34.44 28.43
N TYR E 40 -7.12 -33.35 28.08
CA TYR E 40 -7.78 -33.27 26.77
C TYR E 40 -6.76 -33.38 25.65
N CYS E 41 -5.62 -32.70 25.79
CA CYS E 41 -4.60 -32.74 24.75
C CYS E 41 -4.06 -34.15 24.56
N GLU E 42 -3.72 -34.82 25.66
CA GLU E 42 -3.20 -36.18 25.57
C GLU E 42 -4.27 -37.17 25.12
N ALA E 43 -5.55 -36.84 25.30
CA ALA E 43 -6.62 -37.66 24.74
C ALA E 43 -6.78 -37.44 23.24
N HIS E 44 -6.50 -36.23 22.75
CA HIS E 44 -6.61 -35.89 21.34
C HIS E 44 -5.25 -35.68 20.70
N ALA E 45 -4.21 -36.32 21.23
CA ALA E 45 -2.85 -36.06 20.78
C ALA E 45 -2.60 -36.60 19.37
N LYS E 46 -3.02 -37.83 19.11
CA LYS E 46 -2.69 -38.50 17.85
C LYS E 46 -3.73 -38.30 16.77
N GLU E 47 -4.76 -37.49 17.00
CA GLU E 47 -5.82 -37.29 16.02
C GLU E 47 -5.82 -35.92 15.38
N ASP E 48 -5.19 -34.92 16.00
CA ASP E 48 -5.18 -33.57 15.44
C ASP E 48 -4.24 -33.52 14.24
N PRO E 49 -4.72 -33.16 13.05
CA PRO E 49 -3.83 -33.14 11.88
C PRO E 49 -2.66 -32.20 11.99
N LEU E 50 -2.77 -31.09 12.73
CA LEU E 50 -1.66 -30.15 12.85
C LEU E 50 -0.58 -30.63 13.81
N LEU E 51 -0.89 -31.56 14.71
CA LEU E 51 0.12 -32.10 15.60
C LEU E 51 0.92 -33.21 14.92
N THR E 52 0.24 -34.29 14.55
CA THR E 52 0.87 -35.41 13.87
C THR E 52 1.07 -35.11 12.39
N PRO E 53 2.07 -35.74 11.75
CA PRO E 53 2.22 -35.55 10.31
C PRO E 53 1.06 -36.16 9.54
N VAL E 54 0.27 -35.32 8.89
CA VAL E 54 -0.91 -35.79 8.18
C VAL E 54 -0.49 -36.67 7.00
N PRO E 55 -1.14 -37.82 6.80
CA PRO E 55 -0.82 -38.63 5.61
C PRO E 55 -1.18 -37.88 4.33
N ALA E 56 -0.35 -38.07 3.31
CA ALA E 56 -0.61 -37.41 2.03
C ALA E 56 -1.82 -38.00 1.32
N SER E 57 -2.07 -39.30 1.48
CA SER E 57 -3.18 -39.94 0.79
C SER E 57 -4.52 -39.40 1.25
N GLU E 58 -4.69 -39.22 2.55
CA GLU E 58 -5.95 -38.74 3.10
C GLU E 58 -6.01 -37.22 3.26
N ASN E 59 -4.96 -36.52 2.83
CA ASN E 59 -4.95 -35.06 2.89
C ASN E 59 -5.64 -34.51 1.65
N PRO E 60 -6.76 -33.80 1.78
CA PRO E 60 -7.41 -33.20 0.60
C PRO E 60 -6.64 -32.03 0.03
N PHE E 61 -5.64 -31.51 0.75
CA PHE E 61 -4.82 -30.40 0.29
C PHE E 61 -3.49 -30.87 -0.29
N ARG E 62 -3.48 -32.02 -0.96
CA ARG E 62 -2.27 -32.55 -1.56
C ARG E 62 -1.95 -31.84 -2.87
N GLN F 3 -7.93 -6.44 37.63
CA GLN F 3 -8.82 -5.33 37.28
C GLN F 3 -8.08 -4.00 37.34
N VAL F 4 -8.23 -3.19 36.29
CA VAL F 4 -7.59 -1.89 36.24
C VAL F 4 -8.28 -0.95 37.21
N GLN F 5 -7.50 -0.29 38.07
CA GLN F 5 -8.03 0.57 39.09
C GLN F 5 -7.24 1.87 39.15
N LEU F 6 -7.91 2.92 39.62
CA LEU F 6 -7.29 4.23 39.81
C LEU F 6 -7.81 4.81 41.13
N GLN F 7 -6.92 5.47 41.87
CA GLN F 7 -7.30 6.14 43.10
C GLN F 7 -6.73 7.54 43.11
N GLU F 8 -7.47 8.46 43.73
CA GLU F 8 -7.09 9.86 43.77
C GLU F 8 -7.29 10.40 45.18
N SER F 9 -6.51 11.43 45.51
CA SER F 9 -6.56 12.04 46.84
C SER F 9 -6.38 13.55 46.67
N GLY F 10 -6.17 14.23 47.78
CA GLY F 10 -6.01 15.68 47.77
C GLY F 10 -7.34 16.39 47.81
N GLY F 11 -7.26 17.72 47.79
CA GLY F 11 -8.45 18.55 47.82
C GLY F 11 -8.59 19.35 49.10
N GLY F 12 -9.83 19.67 49.46
CA GLY F 12 -10.09 20.47 50.64
C GLY F 12 -10.28 21.94 50.32
N LEU F 13 -10.92 22.64 51.25
CA LEU F 13 -11.22 24.06 51.04
C LEU F 13 -9.94 24.87 51.02
N VAL F 14 -9.77 25.67 49.98
CA VAL F 14 -8.63 26.56 49.83
C VAL F 14 -9.14 27.91 49.33
N GLN F 15 -8.54 28.98 49.83
CA GLN F 15 -8.90 30.32 49.37
C GLN F 15 -8.44 30.51 47.93
N PRO F 16 -9.12 31.37 47.17
CA PRO F 16 -8.67 31.65 45.80
C PRO F 16 -7.25 32.19 45.77
N GLY F 17 -6.48 31.72 44.80
CA GLY F 17 -5.06 32.04 44.76
C GLY F 17 -4.21 31.26 45.72
N GLY F 18 -4.73 30.20 46.33
CA GLY F 18 -3.99 29.40 47.29
C GLY F 18 -3.14 28.34 46.63
N SER F 19 -2.91 27.26 47.38
CA SER F 19 -2.08 26.16 46.91
C SER F 19 -2.77 24.83 47.21
N LEU F 20 -2.44 23.82 46.40
CA LEU F 20 -3.04 22.50 46.53
C LEU F 20 -2.22 21.54 45.66
N ARG F 21 -2.41 20.25 45.91
CA ARG F 21 -1.71 19.21 45.17
C ARG F 21 -2.62 17.99 45.05
N LEU F 22 -2.54 17.31 43.90
CA LEU F 22 -3.38 16.16 43.62
C LEU F 22 -2.50 14.96 43.25
N SER F 23 -2.73 13.84 43.94
CA SER F 23 -1.90 12.65 43.80
C SER F 23 -2.73 11.49 43.27
N CYS F 24 -2.14 10.72 42.36
CA CYS F 24 -2.83 9.68 41.61
C CYS F 24 -2.10 8.36 41.81
N ALA F 25 -2.80 7.35 42.31
CA ALA F 25 -2.23 6.04 42.56
C ALA F 25 -2.86 5.01 41.62
N ALA F 26 -2.01 4.17 41.02
CA ALA F 26 -2.45 3.20 40.03
C ALA F 26 -1.92 1.82 40.40
N SER F 27 -2.68 0.80 40.01
CA SER F 27 -2.30 -0.58 40.26
C SER F 27 -2.97 -1.47 39.24
N GLY F 28 -2.45 -2.68 39.09
CA GLY F 28 -2.97 -3.64 38.14
C GLY F 28 -2.38 -3.56 36.74
N PHE F 29 -1.45 -2.64 36.49
CA PHE F 29 -0.83 -2.51 35.19
C PHE F 29 0.50 -1.79 35.33
N THR F 30 1.33 -1.91 34.30
CA THR F 30 2.60 -1.20 34.26
C THR F 30 2.35 0.28 34.00
N PHE F 31 2.98 1.14 34.80
CA PHE F 31 2.73 2.57 34.72
C PHE F 31 3.52 3.28 33.64
N SER F 32 4.57 2.66 33.09
CA SER F 32 5.40 3.35 32.11
C SER F 32 4.75 3.41 30.73
N ASN F 33 3.99 2.37 30.38
CA ASN F 33 3.51 2.23 29.01
C ASN F 33 2.54 3.34 28.63
N TYR F 34 1.64 3.70 29.54
CA TYR F 34 0.49 4.54 29.19
C TYR F 34 0.75 6.00 29.52
N LYS F 35 0.30 6.88 28.63
CA LYS F 35 0.27 8.29 28.95
C LYS F 35 -0.84 8.57 29.96
N MET F 36 -0.65 9.61 30.77
CA MET F 36 -1.56 9.90 31.87
C MET F 36 -1.92 11.38 31.83
N ASN F 37 -3.21 11.70 31.92
CA ASN F 37 -3.60 13.10 31.90
C ASN F 37 -4.69 13.34 32.93
N TRP F 38 -5.03 14.61 33.12
CA TRP F 38 -6.00 15.02 34.14
C TRP F 38 -7.23 15.61 33.48
N VAL F 39 -8.40 15.11 33.88
CA VAL F 39 -9.69 15.50 33.31
C VAL F 39 -10.58 15.96 34.44
N ARG F 40 -10.95 17.24 34.45
CA ARG F 40 -11.76 17.80 35.51
C ARG F 40 -13.14 18.15 34.98
N GLN F 41 -14.17 17.81 35.75
CA GLN F 41 -15.56 18.13 35.42
C GLN F 41 -16.06 19.15 36.43
N ALA F 42 -16.37 20.35 35.94
CA ALA F 42 -17.01 21.37 36.74
C ALA F 42 -18.49 21.05 36.88
N PRO F 43 -19.14 21.52 37.95
CA PRO F 43 -20.55 21.17 38.17
C PRO F 43 -21.43 21.60 37.01
N GLY F 44 -22.32 20.70 36.59
CA GLY F 44 -23.23 21.00 35.50
C GLY F 44 -22.58 21.18 34.16
N LYS F 45 -21.34 20.73 33.99
CA LYS F 45 -20.62 20.89 32.73
C LYS F 45 -20.12 19.54 32.25
N GLY F 46 -19.74 19.50 30.98
CA GLY F 46 -19.13 18.31 30.43
C GLY F 46 -17.70 18.14 30.89
N LEU F 47 -17.10 17.01 30.49
CA LEU F 47 -15.75 16.70 30.93
C LEU F 47 -14.74 17.53 30.16
N GLU F 48 -13.87 18.23 30.88
CA GLU F 48 -12.85 19.09 30.31
C GLU F 48 -11.49 18.42 30.44
N TRP F 49 -10.57 18.77 29.54
CA TRP F 49 -9.23 18.23 29.52
C TRP F 49 -8.23 19.29 30.00
N VAL F 50 -7.23 18.87 30.77
CA VAL F 50 -6.30 19.84 31.36
C VAL F 50 -4.87 19.64 30.87
N SER F 51 -4.24 18.52 31.22
CA SER F 51 -2.82 18.39 30.98
C SER F 51 -2.41 16.92 30.95
N ASP F 52 -1.48 16.60 30.06
CA ASP F 52 -1.07 15.23 29.79
C ASP F 52 0.44 15.08 29.91
N ILE F 53 0.87 13.88 30.31
CA ILE F 53 2.28 13.53 30.32
C ILE F 53 2.44 12.15 29.68
N SER F 54 3.44 12.04 28.81
CA SER F 54 3.66 10.84 28.02
C SER F 54 4.42 9.80 28.82
N GLN F 55 4.88 8.75 28.14
CA GLN F 55 5.58 7.65 28.81
C GLN F 55 6.65 8.13 29.78
N SER F 56 7.55 8.98 29.31
CA SER F 56 8.65 9.48 30.13
C SER F 56 8.38 10.85 30.72
N GLY F 57 7.87 11.78 29.93
CA GLY F 57 7.68 13.14 30.37
C GLY F 57 8.28 14.15 29.41
N ALA F 58 8.64 13.66 28.22
CA ALA F 58 9.27 14.53 27.24
C ALA F 58 8.34 15.65 26.78
N SER F 59 7.06 15.31 26.57
CA SER F 59 6.07 16.27 26.11
C SER F 59 5.05 16.51 27.22
N ILE F 60 4.90 17.77 27.61
CA ILE F 60 3.91 18.18 28.60
C ILE F 60 3.12 19.35 28.01
N SER F 61 1.81 19.25 28.05
CA SER F 61 0.96 20.29 27.49
C SER F 61 -0.16 20.60 28.48
N TYR F 62 -0.72 21.81 28.36
CA TYR F 62 -1.76 22.26 29.27
C TYR F 62 -2.91 22.87 28.49
N THR F 63 -4.08 22.82 29.09
CA THR F 63 -5.18 23.67 28.64
C THR F 63 -4.84 25.11 28.97
N GLY F 64 -5.17 26.02 28.04
CA GLY F 64 -4.74 27.40 28.21
C GLY F 64 -5.21 28.03 29.50
N SER F 65 -6.44 27.73 29.91
CA SER F 65 -6.97 28.27 31.15
C SER F 65 -6.23 27.78 32.38
N VAL F 66 -5.41 26.75 32.25
CA VAL F 66 -4.69 26.20 33.39
C VAL F 66 -3.19 26.46 33.31
N LYS F 67 -2.62 26.60 32.11
CA LYS F 67 -1.18 26.83 32.00
C LYS F 67 -0.79 28.17 32.62
N GLY F 68 0.41 28.22 33.17
CA GLY F 68 0.90 29.37 33.89
C GLY F 68 0.75 29.26 35.40
N ARG F 69 -0.09 28.35 35.88
CA ARG F 69 -0.31 28.19 37.31
C ARG F 69 -0.13 26.76 37.79
N PHE F 70 -0.54 25.77 37.00
CA PHE F 70 -0.45 24.37 37.41
C PHE F 70 0.71 23.70 36.71
N THR F 71 1.19 22.61 37.30
CA THR F 71 2.24 21.80 36.70
C THR F 71 1.99 20.33 37.02
N ILE F 72 2.52 19.46 36.16
CA ILE F 72 2.30 18.03 36.26
C ILE F 72 3.65 17.34 36.45
N SER F 73 3.59 16.09 36.93
CA SER F 73 4.79 15.31 37.14
C SER F 73 4.44 13.83 37.09
N ARG F 74 5.39 13.04 36.58
CA ARG F 74 5.22 11.61 36.47
C ARG F 74 6.47 10.92 36.99
N ASP F 75 6.27 9.88 37.80
CA ASP F 75 7.40 9.16 38.38
C ASP F 75 7.04 7.67 38.35
N ASN F 76 7.64 6.95 37.39
CA ASN F 76 7.31 5.54 37.22
C ASN F 76 7.71 4.72 38.45
N ALA F 77 8.84 5.06 39.07
CA ALA F 77 9.33 4.28 40.20
C ALA F 77 8.33 4.28 41.35
N LYS F 78 7.76 5.44 41.67
CA LYS F 78 6.75 5.51 42.72
C LYS F 78 5.37 5.06 42.26
N ASN F 79 5.20 4.80 40.96
CA ASN F 79 3.92 4.29 40.43
C ASN F 79 2.78 5.26 40.70
N THR F 80 3.06 6.55 40.60
CA THR F 80 2.07 7.59 40.91
C THR F 80 2.19 8.73 39.91
N LEU F 81 1.16 9.57 39.90
CA LEU F 81 1.08 10.76 39.07
C LEU F 81 0.81 11.97 39.95
N TYR F 82 1.44 13.11 39.63
CA TYR F 82 1.35 14.33 40.42
C TYR F 82 0.76 15.44 39.57
N LEU F 83 -0.13 16.24 40.17
CA LEU F 83 -0.61 17.47 39.56
C LEU F 83 -0.60 18.55 40.63
N GLN F 84 0.36 19.48 40.54
CA GLN F 84 0.40 20.58 41.48
C GLN F 84 -0.70 21.56 41.12
N MET F 85 -1.39 22.08 42.13
CA MET F 85 -2.63 22.83 41.93
C MET F 85 -2.63 24.12 42.73
N ASN F 86 -1.58 24.92 42.62
CA ASN F 86 -1.49 26.20 43.31
C ASN F 86 -1.93 27.35 42.40
N SER F 87 -2.02 28.54 42.99
CA SER F 87 -2.47 29.76 42.31
C SER F 87 -3.88 29.58 41.73
N LEU F 88 -4.83 29.41 42.65
CA LEU F 88 -6.18 28.99 42.29
C LEU F 88 -6.97 30.14 41.68
N LYS F 89 -8.09 29.78 41.05
CA LYS F 89 -9.10 30.71 40.57
C LYS F 89 -10.46 30.21 41.03
N PRO F 90 -11.40 31.12 41.27
CA PRO F 90 -12.74 30.71 41.71
C PRO F 90 -13.62 30.13 40.62
N GLU F 91 -13.07 29.83 39.45
CA GLU F 91 -13.84 29.35 38.31
C GLU F 91 -13.37 27.98 37.83
N ASP F 92 -12.75 27.20 38.71
CA ASP F 92 -12.27 25.87 38.35
C ASP F 92 -12.54 24.84 39.46
N THR F 93 -13.50 25.12 40.33
CA THR F 93 -13.92 24.14 41.33
C THR F 93 -14.56 22.96 40.62
N ALA F 94 -14.02 21.76 40.84
CA ALA F 94 -14.44 20.65 39.98
C ALA F 94 -14.03 19.33 40.60
N VAL F 95 -14.55 18.25 40.01
CA VAL F 95 -14.14 16.89 40.35
C VAL F 95 -13.03 16.48 39.40
N TYR F 96 -11.93 15.97 39.94
CA TYR F 96 -10.77 15.62 39.15
C TYR F 96 -10.69 14.11 38.96
N TYR F 97 -10.44 13.71 37.72
CA TYR F 97 -10.29 12.32 37.31
C TYR F 97 -8.90 12.16 36.70
N CYS F 98 -8.08 11.33 37.31
CA CYS F 98 -6.74 11.03 36.80
C CYS F 98 -6.91 10.06 35.64
N ALA F 99 -7.17 10.61 34.46
CA ALA F 99 -7.54 9.79 33.32
C ALA F 99 -6.34 9.04 32.75
N ARG F 100 -6.60 7.78 32.39
CA ARG F 100 -5.66 6.89 31.73
C ARG F 100 -6.12 6.66 30.29
N CYS F 101 -5.17 6.54 29.37
CA CYS F 101 -5.51 6.21 28.00
C CYS F 101 -5.31 4.71 27.85
N PRO F 102 -6.19 4.03 27.09
CA PRO F 102 -6.08 2.58 27.06
C PRO F 102 -4.96 1.98 26.21
N ALA F 103 -4.59 2.61 25.10
CA ALA F 103 -3.61 2.03 24.19
C ALA F 103 -2.13 2.03 24.71
N PRO F 104 -1.50 0.81 24.89
CA PRO F 104 -0.11 0.91 25.35
C PRO F 104 0.86 1.15 24.19
N PHE F 105 2.06 1.60 24.57
CA PHE F 105 3.19 1.73 23.65
C PHE F 105 2.87 2.65 22.47
N THR F 106 1.96 3.59 22.66
CA THR F 106 1.64 4.55 21.60
C THR F 106 1.16 5.85 22.23
N ARG F 107 1.35 6.93 21.49
CA ARG F 107 0.96 8.27 21.93
C ARG F 107 -0.42 8.67 21.40
N ASP F 108 -1.07 7.78 20.66
CA ASP F 108 -2.38 8.07 20.07
C ASP F 108 -3.41 7.14 20.68
N CYS F 109 -4.45 7.73 21.28
CA CYS F 109 -5.55 6.93 21.85
C CYS F 109 -6.71 7.90 21.92
N PHE F 110 -7.92 7.43 21.69
CA PHE F 110 -9.07 8.35 21.63
C PHE F 110 -9.80 8.66 22.91
N ASP F 111 -10.60 7.71 23.37
CA ASP F 111 -11.45 7.95 24.53
C ASP F 111 -10.72 8.43 25.77
N VAL F 112 -10.96 9.66 26.21
CA VAL F 112 -10.43 10.14 27.48
C VAL F 112 -11.63 10.85 28.10
N THR F 113 -12.27 11.79 27.40
CA THR F 113 -13.27 12.68 27.98
C THR F 113 -14.64 12.20 27.50
N SER F 114 -15.22 11.25 28.23
CA SER F 114 -16.55 10.77 27.93
C SER F 114 -17.16 10.20 29.20
N THR F 115 -18.49 10.13 29.23
CA THR F 115 -19.17 9.54 30.37
C THR F 115 -19.13 8.02 30.36
N THR F 116 -18.92 7.41 29.20
CA THR F 116 -18.94 5.96 29.08
C THR F 116 -17.56 5.33 29.19
N TYR F 117 -16.50 6.13 29.33
CA TYR F 117 -15.15 5.58 29.43
C TYR F 117 -15.02 4.75 30.70
N ALA F 118 -14.10 3.79 30.68
CA ALA F 118 -13.95 2.83 31.75
C ALA F 118 -12.72 3.03 32.61
N TYR F 119 -11.61 3.51 32.05
CA TYR F 119 -10.35 3.55 32.77
C TYR F 119 -10.13 4.90 33.45
N ARG F 120 -11.12 5.32 34.23
CA ARG F 120 -11.06 6.58 34.95
C ARG F 120 -11.49 6.37 36.39
N GLY F 121 -10.92 7.17 37.29
CA GLY F 121 -11.23 7.03 38.70
C GLY F 121 -12.45 7.83 39.11
N GLN F 122 -12.88 7.59 40.35
CA GLN F 122 -13.95 8.39 40.93
C GLN F 122 -13.50 9.83 41.17
N GLY F 123 -12.21 10.08 41.17
CA GLY F 123 -11.69 11.44 41.27
C GLY F 123 -11.83 12.01 42.66
N THR F 124 -11.43 13.26 42.80
CA THR F 124 -11.53 13.96 44.07
C THR F 124 -12.10 15.35 43.83
N GLN F 125 -12.92 15.83 44.77
CA GLN F 125 -13.55 17.13 44.61
C GLN F 125 -12.62 18.22 45.12
N VAL F 126 -12.44 19.26 44.33
CA VAL F 126 -11.62 20.42 44.69
C VAL F 126 -12.56 21.62 44.69
N THR F 127 -12.73 22.21 45.87
CA THR F 127 -13.63 23.34 46.05
C THR F 127 -12.81 24.59 46.39
N VAL F 128 -13.06 25.68 45.66
CA VAL F 128 -12.40 26.94 45.87
C VAL F 128 -13.48 27.99 46.11
N SER F 129 -13.39 28.69 47.25
CA SER F 129 -14.38 29.70 47.60
C SER F 129 -13.74 30.71 48.54
N SER F 130 -14.41 31.85 48.67
CA SER F 130 -13.95 32.91 49.56
C SER F 130 -14.13 32.52 51.01
#